data_1SHZ
#
_entry.id   1SHZ
#
_cell.length_a   199.747
_cell.length_b   105.274
_cell.length_c   71.748
_cell.angle_alpha   90.00
_cell.angle_beta   96.91
_cell.angle_gamma   90.00
#
_symmetry.space_group_name_H-M   'C 1 2 1'
#
loop_
_entity.id
_entity.type
_entity.pdbx_description
1 polymer 'Guanine Nucleotide-Binding Protein Galpha(13):Galpha(i1) Chimera'
2 polymer 'Rho guanine nucleotide exchange factor 1'
3 non-polymer 'MAGNESIUM ION'
4 non-polymer 'TETRAFLUOROALUMINATE ION'
5 non-polymer "GUANOSINE-5'-DIPHOSPHATE"
6 water water
#
loop_
_entity_poly.entity_id
_entity_poly.type
_entity_poly.pdbx_seq_one_letter_code
_entity_poly.pdbx_strand_id
1 'polypeptide(L)'
;NLREDGEKAAREVKLLLLGAGESGKSTFLKQMRIIHGQDFDQRAREEFRPTIYSNVIKGMRVLVDAREKLHIPWGDNKNQ
LHGDKLMAFDTRAPMAAQGMVETRVFLQYLPAIRALWEDSGIQNAYDRRREFQLGESVKYFLDNLDKLGVPDYIPSQQDI
LLARRPTKGIHETHFTFKDLHFKMFDVGGQRSERKKWFECFEGVTAIIFCVALSDYDQVLMEDRQTNRMHESMKLFDSIC
NNKWFTDTSIILFLNKKDLFEEKIKKSPLTICYPEYAGSNTYEEAAAYIQCQFEDLNKRKDTKEIYTHFTCATDTKNVQF
VFDAVTDVIIKNNLKDCGLF
;
A,D
2 'polypeptide(L)'
;GAASPGPSRPGLVPVSIIGAEDEDFENELETNSEEQNSQFQSLEQVKRRPAHLMALLQHVALQFEPGPLLCCLHADMLGS
LGPKEAKKAFLDFYHSFLEKTAVLRVPVPPNVAFELDRTRADLISEDVQRRFVQEVVQSQQVAVGRQLEDFRSKRLMGMT
PWEQELAQLEAWVGRDRASYEARERHVAERLLMHLEEMQHTISTDEEKSAAVVNAIGLYMRHLGVRTKSGDKK
;
C,F
#
# COMPACT_ATOMS: atom_id res chain seq x y z
N ALA A 10 -27.84 39.52 -4.06
CA ALA A 10 -26.74 40.41 -4.52
C ALA A 10 -25.52 40.30 -3.63
N ARG A 11 -25.57 40.94 -2.47
CA ARG A 11 -24.45 40.94 -1.53
C ARG A 11 -24.58 39.92 -0.41
N GLU A 12 -24.33 38.66 -0.76
CA GLU A 12 -24.37 37.50 0.12
C GLU A 12 -23.53 36.49 -0.64
N VAL A 13 -22.37 36.14 -0.12
CA VAL A 13 -21.50 35.21 -0.82
C VAL A 13 -21.11 33.97 -0.02
N LYS A 14 -21.40 32.82 -0.61
CA LYS A 14 -21.08 31.57 0.01
C LYS A 14 -19.89 30.97 -0.73
N LEU A 15 -18.80 30.70 -0.01
CA LEU A 15 -17.62 30.14 -0.63
C LEU A 15 -17.25 28.83 0.06
N LEU A 16 -16.81 27.83 -0.71
CA LEU A 16 -16.44 26.53 -0.15
C LEU A 16 -14.98 26.22 -0.36
N LEU A 17 -14.25 25.95 0.71
CA LEU A 17 -12.83 25.56 0.60
C LEU A 17 -12.81 24.04 0.48
N LEU A 18 -12.24 23.53 -0.59
CA LEU A 18 -12.24 22.08 -0.76
C LEU A 18 -10.88 21.56 -1.11
N GLY A 19 -10.84 20.28 -1.44
CA GLY A 19 -9.59 19.68 -1.82
C GLY A 19 -9.33 18.47 -0.96
N ALA A 20 -8.35 17.67 -1.36
CA ALA A 20 -7.95 16.47 -0.65
C ALA A 20 -7.26 16.87 0.66
N GLY A 21 -6.91 15.90 1.48
CA GLY A 21 -6.27 16.20 2.75
C GLY A 21 -4.88 16.81 2.65
N GLU A 22 -4.58 17.66 3.62
CA GLU A 22 -3.30 18.35 3.72
C GLU A 22 -2.96 19.27 2.56
N SER A 23 -3.97 19.79 1.85
CA SER A 23 -3.68 20.71 0.73
C SER A 23 -3.52 22.18 1.16
N GLY A 24 -3.90 22.51 2.39
CA GLY A 24 -3.74 23.87 2.89
C GLY A 24 -4.98 24.68 3.19
N LYS A 25 -6.13 24.04 3.04
CA LYS A 25 -7.42 24.68 3.27
C LYS A 25 -7.46 25.50 4.55
N SER A 26 -7.18 24.88 5.68
CA SER A 26 -7.22 25.61 6.94
C SER A 26 -6.16 26.70 7.03
N THR A 27 -5.05 26.51 6.36
CA THR A 27 -4.03 27.52 6.43
C THR A 27 -4.65 28.78 5.85
N PHE A 28 -5.50 28.59 4.85
CA PHE A 28 -6.15 29.71 4.22
C PHE A 28 -7.03 30.46 5.17
N LEU A 29 -7.88 29.77 5.92
CA LEU A 29 -8.77 30.43 6.87
C LEU A 29 -7.99 31.36 7.80
N LYS A 30 -6.91 30.84 8.37
CA LYS A 30 -6.09 31.65 9.25
C LYS A 30 -5.67 32.92 8.54
N GLN A 31 -5.23 32.81 7.28
CA GLN A 31 -4.81 33.98 6.49
C GLN A 31 -5.97 34.97 6.40
N MET A 32 -7.16 34.42 6.13
CA MET A 32 -8.35 35.24 6.05
C MET A 32 -8.56 35.97 7.38
N ARG A 33 -8.53 35.24 8.47
CA ARG A 33 -8.70 35.82 9.80
C ARG A 33 -7.64 36.89 10.11
N ILE A 34 -6.45 36.68 9.56
CA ILE A 34 -5.32 37.57 9.80
C ILE A 34 -5.41 38.83 8.99
N ILE A 35 -5.90 38.70 7.75
CA ILE A 35 -5.99 39.87 6.90
C ILE A 35 -7.35 40.56 6.93
N HIS A 36 -8.38 39.87 7.38
CA HIS A 36 -9.72 40.47 7.43
C HIS A 36 -10.39 40.50 8.79
N GLY A 37 -10.52 39.35 9.45
CA GLY A 37 -11.17 39.30 10.75
C GLY A 37 -10.25 39.70 11.87
N GLN A 38 -10.47 39.14 13.07
CA GLN A 38 -9.63 39.42 14.23
C GLN A 38 -8.24 38.77 14.10
N ASP A 39 -7.23 39.57 13.85
CA ASP A 39 -5.89 39.01 13.74
C ASP A 39 -5.48 38.47 15.11
N PHE A 40 -4.82 37.32 15.12
CA PHE A 40 -4.34 36.64 16.32
C PHE A 40 -3.62 37.41 17.46
N ASP A 41 -4.33 37.61 18.56
CA ASP A 41 -3.78 38.29 19.74
C ASP A 41 -2.69 37.40 20.36
N GLN A 42 -1.82 38.00 21.17
CA GLN A 42 -0.74 37.25 21.81
C GLN A 42 -1.29 36.01 22.51
N ARG A 43 -2.37 36.15 23.26
CA ARG A 43 -2.95 35.02 23.98
C ARG A 43 -3.50 33.99 23.01
N ALA A 44 -3.89 34.44 21.83
CA ALA A 44 -4.43 33.51 20.86
C ALA A 44 -3.30 32.65 20.33
N ARG A 45 -2.15 33.27 20.11
CA ARG A 45 -1.01 32.54 19.57
C ARG A 45 -0.47 31.52 20.53
N GLU A 46 -0.56 31.81 21.82
CA GLU A 46 -0.08 30.89 22.82
C GLU A 46 -0.84 29.56 22.73
N GLU A 47 -2.14 29.64 22.49
CA GLU A 47 -2.94 28.44 22.38
C GLU A 47 -2.31 27.46 21.38
N PHE A 48 -1.53 27.99 20.44
CA PHE A 48 -0.91 27.14 19.42
C PHE A 48 0.38 26.49 19.86
N ARG A 49 0.86 26.89 21.03
CA ARG A 49 2.10 26.32 21.57
C ARG A 49 1.99 24.81 21.85
N PRO A 50 1.07 24.39 22.74
CA PRO A 50 0.95 22.96 23.04
C PRO A 50 0.73 22.06 21.82
N THR A 51 0.26 22.62 20.72
CA THR A 51 0.08 21.83 19.52
C THR A 51 1.38 21.81 18.70
N ILE A 52 2.12 22.92 18.71
CA ILE A 52 3.38 22.99 17.99
C ILE A 52 4.37 22.01 18.62
N TYR A 53 4.39 21.94 19.95
CA TYR A 53 5.29 21.00 20.65
C TYR A 53 4.84 19.58 20.32
N SER A 54 3.57 19.41 20.01
CA SER A 54 3.02 18.10 19.67
C SER A 54 3.30 17.68 18.21
N ASN A 55 3.63 18.65 17.36
CA ASN A 55 3.94 18.35 15.96
C ASN A 55 5.38 17.88 15.96
N VAL A 56 6.19 18.54 16.78
CA VAL A 56 7.61 18.26 16.88
C VAL A 56 7.90 16.88 17.42
N ILE A 57 7.40 16.61 18.61
CA ILE A 57 7.64 15.33 19.25
C ILE A 57 7.08 14.12 18.48
N LYS A 58 5.90 14.26 17.90
CA LYS A 58 5.32 13.14 17.18
C LYS A 58 5.98 13.01 15.82
N GLY A 59 6.39 14.15 15.25
CA GLY A 59 7.04 14.10 13.96
C GLY A 59 8.33 13.31 14.10
N MET A 60 9.02 13.58 15.19
CA MET A 60 10.26 12.88 15.45
C MET A 60 10.00 11.40 15.70
N ARG A 61 8.97 11.09 16.48
CA ARG A 61 8.61 9.69 16.74
C ARG A 61 8.60 8.97 15.40
N VAL A 62 7.99 9.58 14.40
CA VAL A 62 7.91 8.95 13.07
C VAL A 62 9.28 8.81 12.41
N LEU A 63 10.12 9.82 12.56
CA LEU A 63 11.44 9.75 11.96
C LEU A 63 12.25 8.58 12.54
N VAL A 64 12.29 8.47 13.87
CA VAL A 64 13.05 7.41 14.54
C VAL A 64 12.52 6.04 14.19
N ASP A 65 11.22 5.95 13.97
CA ASP A 65 10.63 4.67 13.61
C ASP A 65 11.01 4.41 12.16
N ALA A 66 11.11 5.50 11.39
CA ALA A 66 11.45 5.41 9.97
C ALA A 66 12.86 4.92 9.79
N ARG A 67 13.74 5.42 10.65
CA ARG A 67 15.15 5.04 10.60
C ARG A 67 15.31 3.53 10.80
N GLU A 68 14.72 3.01 11.85
CA GLU A 68 14.87 1.59 12.12
C GLU A 68 14.21 0.77 11.05
N LYS A 69 13.02 1.20 10.64
CA LYS A 69 12.29 0.46 9.63
C LYS A 69 13.01 0.50 8.30
N LEU A 70 13.34 1.69 7.81
CA LEU A 70 14.02 1.82 6.54
C LEU A 70 15.46 1.31 6.58
N HIS A 71 15.91 0.91 7.77
CA HIS A 71 17.27 0.39 7.96
C HIS A 71 18.38 1.41 7.69
N ILE A 72 18.28 2.58 8.31
CA ILE A 72 19.27 3.62 8.12
C ILE A 72 20.25 3.63 9.29
N PRO A 73 21.51 3.28 9.05
CA PRO A 73 22.51 3.27 10.11
C PRO A 73 22.64 4.62 10.83
N TRP A 74 22.76 4.58 12.15
CA TRP A 74 22.89 5.80 12.92
C TRP A 74 24.15 6.57 12.53
N GLY A 75 24.21 7.83 12.93
CA GLY A 75 25.38 8.63 12.64
C GLY A 75 26.18 8.74 13.93
N ASP A 76 25.59 8.18 14.98
CA ASP A 76 26.16 8.16 16.31
C ASP A 76 25.31 7.15 17.08
N ASN A 77 25.89 6.00 17.44
CA ASN A 77 25.16 4.98 18.18
C ASN A 77 24.74 5.43 19.58
N LYS A 78 25.32 6.54 20.03
CA LYS A 78 25.00 7.10 21.33
C LYS A 78 23.56 7.62 21.37
N ASN A 79 23.07 8.05 20.21
CA ASN A 79 21.72 8.59 20.12
C ASN A 79 20.65 7.53 20.17
N GLN A 80 21.04 6.26 20.27
CA GLN A 80 20.08 5.16 20.34
C GLN A 80 19.33 5.20 21.66
N LEU A 81 19.97 5.74 22.69
CA LEU A 81 19.36 5.86 24.00
C LEU A 81 18.42 7.07 23.98
N HIS A 82 18.63 7.97 23.02
CA HIS A 82 17.78 9.16 22.85
C HIS A 82 16.53 8.71 22.11
N GLY A 83 16.70 7.74 21.22
CA GLY A 83 15.59 7.23 20.45
C GLY A 83 14.57 6.52 21.32
N ASP A 84 15.03 5.80 22.32
CA ASP A 84 14.13 5.09 23.21
C ASP A 84 13.25 6.06 23.99
N LYS A 85 13.87 7.07 24.58
CA LYS A 85 13.16 8.08 25.37
C LYS A 85 11.97 8.60 24.60
N LEU A 86 12.15 8.80 23.30
CA LEU A 86 11.07 9.31 22.46
C LEU A 86 10.02 8.29 22.15
N MET A 87 10.41 7.05 21.90
CA MET A 87 9.45 6.01 21.61
C MET A 87 8.62 5.74 22.86
N ALA A 88 9.18 6.05 24.03
CA ALA A 88 8.48 5.83 25.30
C ALA A 88 7.28 6.73 25.44
N PHE A 89 7.37 7.92 24.85
CA PHE A 89 6.29 8.89 24.89
C PHE A 89 4.95 8.20 24.59
N ASP A 90 3.96 8.42 25.46
CA ASP A 90 2.63 7.84 25.30
C ASP A 90 1.73 8.82 24.57
N THR A 91 1.27 8.41 23.40
CA THR A 91 0.43 9.23 22.55
C THR A 91 -1.07 9.10 22.75
N ARG A 92 -1.49 8.13 23.55
CA ARG A 92 -2.91 7.92 23.78
C ARG A 92 -3.42 8.55 25.06
N ALA A 93 -2.52 9.21 25.80
CA ALA A 93 -2.87 9.87 27.06
C ALA A 93 -3.81 11.02 26.73
N PRO A 94 -4.64 11.45 27.69
CA PRO A 94 -5.61 12.54 27.56
C PRO A 94 -5.16 13.79 26.78
N MET A 95 -4.10 14.43 27.25
CA MET A 95 -3.66 15.64 26.58
C MET A 95 -2.94 15.34 25.28
N ALA A 96 -2.13 14.29 25.27
CA ALA A 96 -1.40 13.93 24.06
C ALA A 96 -2.34 13.43 22.97
N ALA A 97 -3.49 12.90 23.38
CA ALA A 97 -4.49 12.37 22.46
C ALA A 97 -5.14 13.54 21.76
N GLN A 98 -5.30 14.64 22.49
CA GLN A 98 -5.87 15.84 21.92
C GLN A 98 -4.86 16.61 21.07
N GLY A 99 -3.71 15.99 20.80
CA GLY A 99 -2.68 16.65 20.02
C GLY A 99 -2.05 17.84 20.74
N MET A 100 -1.84 17.70 22.05
CA MET A 100 -1.26 18.77 22.85
C MET A 100 -0.12 18.28 23.73
N VAL A 101 0.84 19.14 24.00
CA VAL A 101 1.97 18.78 24.84
C VAL A 101 2.36 19.97 25.70
N GLU A 102 2.33 19.78 27.02
CA GLU A 102 2.66 20.82 27.97
C GLU A 102 4.13 21.22 27.89
N THR A 103 4.46 22.44 28.28
CA THR A 103 5.84 22.93 28.25
C THR A 103 6.73 22.11 29.19
N ARG A 104 6.19 21.84 30.37
CA ARG A 104 6.89 21.08 31.40
C ARG A 104 7.42 19.77 30.82
N VAL A 105 6.57 19.07 30.07
CA VAL A 105 6.96 17.80 29.48
C VAL A 105 7.77 17.95 28.19
N PHE A 106 7.44 18.95 27.39
CA PHE A 106 8.18 19.14 26.15
C PHE A 106 9.65 19.31 26.48
N LEU A 107 9.91 20.17 27.46
CA LEU A 107 11.26 20.46 27.91
C LEU A 107 11.96 19.22 28.43
N GLN A 108 11.19 18.16 28.70
CA GLN A 108 11.76 16.91 29.19
C GLN A 108 12.28 16.07 28.03
N TYR A 109 11.92 16.44 26.79
CA TYR A 109 12.37 15.69 25.62
C TYR A 109 13.31 16.48 24.71
N LEU A 110 13.33 17.80 24.92
CA LEU A 110 14.15 18.68 24.10
C LEU A 110 15.57 18.16 23.91
N PRO A 111 16.22 17.68 24.97
CA PRO A 111 17.59 17.17 24.85
C PRO A 111 17.76 15.99 23.86
N ALA A 112 16.84 15.03 23.92
CA ALA A 112 16.90 13.89 23.03
C ALA A 112 16.54 14.31 21.61
N ILE A 113 15.63 15.29 21.49
CA ILE A 113 15.20 15.80 20.17
C ILE A 113 16.30 16.58 19.45
N ARG A 114 17.02 17.41 20.18
CA ARG A 114 18.10 18.19 19.60
C ARG A 114 19.17 17.21 19.09
N ALA A 115 19.53 16.24 19.92
CA ALA A 115 20.54 15.26 19.56
C ALA A 115 20.13 14.39 18.38
N LEU A 116 18.94 13.82 18.45
CA LEU A 116 18.49 12.98 17.37
C LEU A 116 18.35 13.77 16.08
N TRP A 117 18.16 15.08 16.21
CA TRP A 117 17.99 15.94 15.05
C TRP A 117 19.30 16.22 14.33
N GLU A 118 20.40 16.24 15.07
CA GLU A 118 21.67 16.52 14.45
C GLU A 118 22.33 15.25 13.97
N ASP A 119 21.77 14.12 14.37
CA ASP A 119 22.30 12.83 13.97
C ASP A 119 22.26 12.77 12.45
N SER A 120 23.20 12.07 11.84
CA SER A 120 23.22 11.95 10.38
C SER A 120 22.19 10.93 9.88
N GLY A 121 22.04 9.84 10.63
CA GLY A 121 21.10 8.78 10.27
C GLY A 121 19.67 9.25 10.20
N ILE A 122 19.26 10.02 11.20
CA ILE A 122 17.91 10.57 11.26
C ILE A 122 17.67 11.55 10.11
N GLN A 123 18.68 12.33 9.77
CA GLN A 123 18.58 13.30 8.68
C GLN A 123 18.28 12.56 7.36
N ASN A 124 19.01 11.49 7.08
CA ASN A 124 18.83 10.72 5.85
C ASN A 124 17.43 10.13 5.79
N ALA A 125 16.83 9.93 6.96
CA ALA A 125 15.47 9.42 7.02
C ALA A 125 14.56 10.55 6.51
N TYR A 126 14.70 11.74 7.11
CA TYR A 126 13.88 12.86 6.68
C TYR A 126 14.02 13.12 5.19
N ASP A 127 15.17 12.84 4.63
CA ASP A 127 15.32 13.11 3.23
C ASP A 127 14.55 12.11 2.39
N ARG A 128 14.27 10.95 2.98
CA ARG A 128 13.50 9.91 2.27
C ARG A 128 12.03 9.86 2.70
N ARG A 129 11.54 10.97 3.27
CA ARG A 129 10.18 11.07 3.75
C ARG A 129 9.11 10.65 2.74
N ARG A 130 9.41 10.75 1.46
CA ARG A 130 8.44 10.37 0.44
C ARG A 130 8.00 8.91 0.55
N GLU A 131 8.47 8.20 1.57
CA GLU A 131 8.12 6.80 1.75
C GLU A 131 7.29 6.53 2.99
N PHE A 132 6.91 7.59 3.71
CA PHE A 132 6.11 7.46 4.92
C PHE A 132 5.45 8.79 5.31
N GLN A 133 4.22 8.73 5.82
CA GLN A 133 3.46 9.90 6.22
C GLN A 133 4.16 10.85 7.20
N LEU A 134 4.42 12.07 6.76
CA LEU A 134 5.06 13.04 7.61
C LEU A 134 4.84 14.44 7.08
N GLY A 135 4.40 15.32 7.97
CA GLY A 135 4.16 16.71 7.59
C GLY A 135 5.50 17.42 7.50
N GLU A 136 5.83 17.95 6.33
CA GLU A 136 7.09 18.67 6.10
C GLU A 136 7.20 20.01 6.88
N SER A 137 6.31 20.22 7.83
CA SER A 137 6.36 21.44 8.61
C SER A 137 7.10 21.18 9.92
N VAL A 138 7.41 19.91 10.17
CA VAL A 138 8.12 19.53 11.40
C VAL A 138 9.57 19.96 11.25
N LYS A 139 10.02 20.13 10.01
CA LYS A 139 11.38 20.57 9.71
C LYS A 139 11.59 22.05 10.10
N TYR A 140 10.57 22.86 9.88
CA TYR A 140 10.64 24.28 10.21
C TYR A 140 10.78 24.51 11.70
N PHE A 141 10.22 23.59 12.48
CA PHE A 141 10.29 23.68 13.94
C PHE A 141 11.57 23.04 14.49
N LEU A 142 11.95 21.91 13.92
CA LEU A 142 13.15 21.22 14.35
C LEU A 142 14.38 22.10 14.12
N ASP A 143 14.27 23.06 13.20
CA ASP A 143 15.40 23.96 12.95
C ASP A 143 15.32 25.20 13.87
N ASN A 144 14.21 25.33 14.59
CA ASN A 144 14.02 26.44 15.49
C ASN A 144 13.88 25.98 16.93
N LEU A 145 14.43 24.80 17.21
CA LEU A 145 14.36 24.26 18.55
C LEU A 145 14.85 25.29 19.56
N ASP A 146 15.68 26.22 19.11
CA ASP A 146 16.23 27.26 19.98
C ASP A 146 15.17 28.21 20.51
N LYS A 147 14.40 28.82 19.63
CA LYS A 147 13.39 29.75 20.08
C LYS A 147 12.26 29.05 20.83
N LEU A 148 12.17 27.73 20.66
CA LEU A 148 11.16 26.91 21.30
C LEU A 148 11.58 26.39 22.66
N GLY A 149 12.89 26.36 22.89
CA GLY A 149 13.43 25.86 24.14
C GLY A 149 13.44 26.89 25.26
N VAL A 150 12.91 28.07 24.98
CA VAL A 150 12.86 29.12 25.96
C VAL A 150 11.71 28.89 26.93
N PRO A 151 11.73 29.57 28.10
CA PRO A 151 10.70 29.44 29.13
C PRO A 151 9.31 29.74 28.56
N ASP A 152 8.97 31.02 28.51
CA ASP A 152 7.67 31.41 27.96
C ASP A 152 7.81 31.73 26.48
N TYR A 153 7.56 30.71 25.66
CA TYR A 153 7.63 30.82 24.21
C TYR A 153 6.25 31.18 23.63
N ILE A 154 6.25 32.17 22.76
CA ILE A 154 5.03 32.62 22.13
C ILE A 154 5.15 32.43 20.63
N PRO A 155 4.30 31.58 20.04
CA PRO A 155 4.36 31.36 18.59
C PRO A 155 4.28 32.68 17.83
N SER A 156 5.13 32.83 16.81
CA SER A 156 5.13 34.04 16.01
C SER A 156 3.96 33.94 15.04
N GLN A 157 3.76 34.97 14.22
CA GLN A 157 2.66 34.95 13.26
C GLN A 157 2.81 33.77 12.26
N GLN A 158 4.04 33.51 11.81
CA GLN A 158 4.32 32.44 10.86
C GLN A 158 4.24 31.05 11.51
N ASP A 159 4.62 30.96 12.78
CA ASP A 159 4.59 29.70 13.51
C ASP A 159 3.17 29.14 13.57
N ILE A 160 2.20 30.01 13.85
CA ILE A 160 0.80 29.62 13.90
C ILE A 160 0.38 29.01 12.57
N LEU A 161 0.71 29.68 11.47
CA LEU A 161 0.35 29.21 10.12
C LEU A 161 0.98 27.86 9.78
N LEU A 162 2.18 27.64 10.27
CA LEU A 162 2.89 26.42 9.97
C LEU A 162 2.46 25.30 10.88
N ALA A 163 1.76 25.64 11.94
CA ALA A 163 1.28 24.64 12.87
C ALA A 163 0.28 23.73 12.15
N ARG A 164 0.27 22.46 12.54
CA ARG A 164 -0.62 21.46 11.93
C ARG A 164 -1.61 20.84 12.90
N ARG A 165 -2.82 20.62 12.42
CA ARG A 165 -3.89 20.04 13.20
C ARG A 165 -4.92 19.51 12.22
N PRO A 166 -5.17 18.20 12.27
CA PRO A 166 -6.16 17.60 11.36
C PRO A 166 -7.55 18.17 11.62
N THR A 167 -8.23 18.57 10.55
CA THR A 167 -9.57 19.13 10.64
C THR A 167 -10.62 18.11 10.25
N LYS A 168 -11.67 18.02 11.07
CA LYS A 168 -12.78 17.12 10.82
C LYS A 168 -14.06 17.93 10.94
N GLY A 169 -15.04 17.64 10.09
CA GLY A 169 -16.28 18.38 10.14
C GLY A 169 -16.23 19.68 9.33
N ILE A 170 -17.31 20.45 9.43
CA ILE A 170 -17.41 21.70 8.70
C ILE A 170 -17.19 22.88 9.65
N HIS A 171 -16.45 23.88 9.19
CA HIS A 171 -16.14 25.07 9.97
C HIS A 171 -16.51 26.34 9.20
N GLU A 172 -17.55 27.03 9.69
CA GLU A 172 -18.05 28.24 9.05
C GLU A 172 -17.36 29.49 9.54
N THR A 173 -17.25 30.50 8.69
CA THR A 173 -16.60 31.75 9.06
C THR A 173 -17.22 32.92 8.32
N HIS A 174 -17.34 34.06 9.01
CA HIS A 174 -17.92 35.26 8.42
C HIS A 174 -16.94 36.43 8.42
N PHE A 175 -17.10 37.35 7.47
CA PHE A 175 -16.27 38.55 7.38
C PHE A 175 -16.66 39.42 6.18
N THR A 176 -16.43 40.72 6.31
CA THR A 176 -16.77 41.65 5.24
C THR A 176 -15.55 42.27 4.56
N PHE A 177 -15.50 42.12 3.24
CA PHE A 177 -14.40 42.62 2.42
C PHE A 177 -15.00 43.12 1.12
N LYS A 178 -14.58 44.31 0.70
CA LYS A 178 -15.08 44.94 -0.52
C LYS A 178 -16.60 44.97 -0.51
N ASP A 179 -17.18 45.39 0.62
CA ASP A 179 -18.63 45.45 0.78
C ASP A 179 -19.41 44.20 0.38
N LEU A 180 -18.83 43.04 0.65
CA LEU A 180 -19.47 41.76 0.36
C LEU A 180 -19.43 40.94 1.63
N HIS A 181 -20.55 40.30 1.95
CA HIS A 181 -20.64 39.49 3.16
C HIS A 181 -20.27 38.03 2.84
N PHE A 182 -19.01 37.70 3.12
CA PHE A 182 -18.50 36.36 2.86
C PHE A 182 -18.87 35.33 3.90
N LYS A 183 -19.42 34.21 3.45
CA LYS A 183 -19.79 33.09 4.32
C LYS A 183 -18.84 31.95 3.92
N MET A 184 -17.65 31.97 4.50
CA MET A 184 -16.63 30.99 4.17
C MET A 184 -16.65 29.72 5.03
N PHE A 185 -16.74 28.57 4.36
CA PHE A 185 -16.76 27.27 5.00
C PHE A 185 -15.51 26.44 4.74
N ASP A 186 -14.95 25.89 5.81
CA ASP A 186 -13.75 25.07 5.73
C ASP A 186 -14.12 23.65 6.12
N VAL A 187 -13.76 22.70 5.26
CA VAL A 187 -14.04 21.29 5.51
C VAL A 187 -12.80 20.38 5.58
N GLY A 188 -13.02 19.11 5.92
CA GLY A 188 -11.91 18.17 6.01
C GLY A 188 -11.81 17.42 4.71
N GLY A 189 -10.59 17.24 4.22
CA GLY A 189 -10.38 16.59 2.94
C GLY A 189 -10.31 15.07 2.81
N GLN A 190 -10.03 14.40 3.93
CA GLN A 190 -9.89 12.96 3.93
C GLN A 190 -11.10 12.27 3.37
N ARG A 191 -10.90 11.09 2.79
CA ARG A 191 -12.02 10.36 2.21
C ARG A 191 -13.24 10.21 3.13
N SER A 192 -13.03 9.82 4.39
CA SER A 192 -14.15 9.66 5.31
C SER A 192 -14.82 10.99 5.64
N GLU A 193 -14.09 12.07 5.41
CA GLU A 193 -14.56 13.40 5.71
C GLU A 193 -15.43 14.01 4.61
N ARG A 194 -15.35 13.47 3.40
CA ARG A 194 -16.10 14.03 2.28
C ARG A 194 -17.63 13.85 2.29
N LYS A 195 -18.12 12.85 2.98
CA LYS A 195 -19.56 12.65 3.02
C LYS A 195 -20.20 13.89 3.65
N LYS A 196 -19.49 14.50 4.58
CA LYS A 196 -19.99 15.67 5.29
C LYS A 196 -20.00 16.91 4.41
N TRP A 197 -19.46 16.79 3.21
CA TRP A 197 -19.38 17.91 2.29
C TRP A 197 -20.74 18.27 1.75
N PHE A 198 -21.50 17.26 1.34
CA PHE A 198 -22.80 17.46 0.73
C PHE A 198 -23.78 18.35 1.48
N GLU A 199 -23.55 18.56 2.77
CA GLU A 199 -24.43 19.42 3.54
C GLU A 199 -24.09 20.88 3.27
N CYS A 200 -23.34 21.15 2.21
CA CYS A 200 -22.98 22.53 1.91
C CYS A 200 -23.03 22.91 0.42
N PHE A 201 -23.53 21.99 -0.39
CA PHE A 201 -23.64 22.22 -1.83
C PHE A 201 -24.85 23.09 -2.20
N GLU A 202 -25.39 23.85 -1.26
CA GLU A 202 -26.55 24.67 -1.55
C GLU A 202 -26.17 26.10 -1.80
N GLY A 203 -26.65 26.66 -2.91
CA GLY A 203 -26.39 28.05 -3.28
C GLY A 203 -24.95 28.50 -3.17
N VAL A 204 -24.04 27.75 -3.78
CA VAL A 204 -22.64 28.12 -3.70
C VAL A 204 -22.25 29.20 -4.69
N THR A 205 -21.76 30.32 -4.18
CA THR A 205 -21.36 31.41 -5.05
C THR A 205 -19.99 31.14 -5.66
N ALA A 206 -19.12 30.50 -4.90
CA ALA A 206 -17.79 30.17 -5.38
C ALA A 206 -17.16 29.03 -4.60
N ILE A 207 -16.25 28.33 -5.26
CA ILE A 207 -15.52 27.21 -4.66
C ILE A 207 -14.03 27.40 -4.91
N ILE A 208 -13.24 27.33 -3.84
CA ILE A 208 -11.80 27.40 -4.02
C ILE A 208 -11.23 26.00 -3.74
N PHE A 209 -10.95 25.26 -4.81
CA PHE A 209 -10.41 23.90 -4.69
C PHE A 209 -8.89 23.99 -4.56
N CYS A 210 -8.37 23.62 -3.39
CA CYS A 210 -6.93 23.66 -3.12
C CYS A 210 -6.24 22.36 -3.48
N VAL A 211 -5.04 22.47 -4.03
CA VAL A 211 -4.25 21.32 -4.38
C VAL A 211 -2.84 21.56 -3.88
N ALA A 212 -2.16 20.50 -3.51
CA ALA A 212 -0.78 20.60 -3.04
C ALA A 212 0.16 20.10 -4.13
N LEU A 213 0.99 20.99 -4.64
CA LEU A 213 1.93 20.62 -5.68
C LEU A 213 3.02 19.71 -5.15
N SER A 214 3.29 19.82 -3.85
CA SER A 214 4.34 19.07 -3.18
C SER A 214 4.17 17.57 -3.09
N ASP A 215 3.00 17.04 -3.37
CA ASP A 215 2.82 15.61 -3.22
C ASP A 215 2.49 14.82 -4.45
N TYR A 216 3.38 14.87 -5.42
CA TYR A 216 3.17 14.11 -6.62
C TYR A 216 4.01 12.87 -6.40
N ASP A 217 4.74 12.90 -5.29
CA ASP A 217 5.63 11.81 -4.90
C ASP A 217 5.22 11.15 -3.58
N GLN A 218 4.13 11.62 -2.98
CA GLN A 218 3.64 11.06 -1.72
C GLN A 218 2.38 10.21 -1.91
N VAL A 219 2.04 9.42 -0.89
CA VAL A 219 0.82 8.61 -0.95
C VAL A 219 -0.24 9.07 0.07
N LEU A 220 -1.46 8.58 -0.12
CA LEU A 220 -2.54 8.94 0.78
C LEU A 220 -2.25 8.31 2.13
N MET A 221 -2.90 8.81 3.17
CA MET A 221 -2.69 8.25 4.49
C MET A 221 -3.81 7.24 4.79
N GLU A 222 -4.85 7.22 3.97
CA GLU A 222 -5.96 6.30 4.18
C GLU A 222 -5.63 4.90 3.63
N ASP A 223 -4.76 4.87 2.63
CA ASP A 223 -4.27 3.66 1.98
C ASP A 223 -2.90 4.06 1.48
N ARG A 224 -1.87 3.53 2.11
CA ARG A 224 -0.54 3.90 1.74
C ARG A 224 -0.19 3.36 0.36
N GLN A 225 -1.10 3.54 -0.58
CA GLN A 225 -0.91 3.02 -1.91
C GLN A 225 -1.77 3.71 -2.95
N THR A 226 -1.71 5.04 -3.02
CA THR A 226 -2.46 5.83 -3.98
C THR A 226 -1.79 7.17 -3.96
N ASN A 227 -1.41 7.65 -5.15
CA ASN A 227 -0.73 8.94 -5.26
C ASN A 227 -1.62 10.06 -4.80
N ARG A 228 -1.11 10.93 -3.95
CA ARG A 228 -1.91 12.03 -3.46
C ARG A 228 -2.37 12.85 -4.66
N MET A 229 -1.43 13.38 -5.42
CA MET A 229 -1.75 14.16 -6.61
C MET A 229 -2.80 13.45 -7.51
N HIS A 230 -2.75 12.12 -7.59
CA HIS A 230 -3.73 11.35 -8.34
C HIS A 230 -5.14 11.51 -7.74
N GLU A 231 -5.24 11.58 -6.42
CA GLU A 231 -6.55 11.71 -5.78
C GLU A 231 -7.08 13.11 -5.99
N SER A 232 -6.19 14.09 -5.89
CA SER A 232 -6.54 15.50 -6.08
C SER A 232 -7.22 15.70 -7.45
N MET A 233 -6.64 15.10 -8.50
CA MET A 233 -7.20 15.18 -9.84
C MET A 233 -8.59 14.52 -9.94
N LYS A 234 -8.73 13.37 -9.28
CA LYS A 234 -9.99 12.62 -9.28
C LYS A 234 -11.05 13.40 -8.51
N LEU A 235 -10.64 14.04 -7.43
CA LEU A 235 -11.57 14.82 -6.63
C LEU A 235 -12.02 16.08 -7.37
N PHE A 236 -11.11 16.67 -8.14
CA PHE A 236 -11.41 17.87 -8.90
C PHE A 236 -12.34 17.58 -10.07
N ASP A 237 -12.17 16.42 -10.69
CA ASP A 237 -13.00 16.04 -11.82
C ASP A 237 -14.45 15.79 -11.36
N SER A 238 -14.65 15.53 -10.08
CA SER A 238 -16.00 15.26 -9.59
C SER A 238 -16.72 16.52 -9.16
N ILE A 239 -15.95 17.50 -8.71
CA ILE A 239 -16.48 18.76 -8.24
C ILE A 239 -16.73 19.70 -9.39
N CYS A 240 -15.66 19.97 -10.14
CA CYS A 240 -15.71 20.86 -11.28
C CYS A 240 -16.83 20.53 -12.27
N ASN A 241 -17.21 19.25 -12.36
CA ASN A 241 -18.28 18.81 -13.25
C ASN A 241 -19.60 18.48 -12.55
N ASN A 242 -19.78 18.95 -11.33
CA ASN A 242 -21.02 18.67 -10.62
C ASN A 242 -22.19 19.59 -11.05
N LYS A 243 -23.33 18.98 -11.32
CA LYS A 243 -24.52 19.71 -11.72
C LYS A 243 -24.86 20.77 -10.70
N TRP A 244 -24.38 20.61 -9.47
CA TRP A 244 -24.67 21.60 -8.45
C TRP A 244 -23.87 22.86 -8.70
N PHE A 245 -22.76 22.73 -9.42
CA PHE A 245 -21.89 23.87 -9.66
C PHE A 245 -21.77 24.36 -11.10
N THR A 246 -22.84 24.24 -11.88
CA THR A 246 -22.79 24.69 -13.25
C THR A 246 -22.69 26.21 -13.34
N ASP A 247 -23.30 26.91 -12.39
CA ASP A 247 -23.25 28.38 -12.37
C ASP A 247 -22.42 28.94 -11.24
N THR A 248 -21.54 28.10 -10.69
CA THR A 248 -20.67 28.50 -9.60
C THR A 248 -19.24 28.76 -10.06
N SER A 249 -18.70 29.92 -9.68
CA SER A 249 -17.35 30.27 -10.05
C SER A 249 -16.40 29.26 -9.39
N ILE A 250 -15.64 28.51 -10.20
CA ILE A 250 -14.70 27.56 -9.64
C ILE A 250 -13.22 28.01 -9.75
N ILE A 251 -12.63 28.41 -8.62
CA ILE A 251 -11.24 28.86 -8.54
C ILE A 251 -10.36 27.68 -8.14
N LEU A 252 -9.19 27.53 -8.77
CA LEU A 252 -8.31 26.41 -8.45
C LEU A 252 -7.01 26.93 -7.91
N PHE A 253 -6.66 26.52 -6.70
CA PHE A 253 -5.41 26.97 -6.11
C PHE A 253 -4.37 25.86 -6.10
N LEU A 254 -3.30 26.05 -6.87
CA LEU A 254 -2.20 25.10 -6.91
C LEU A 254 -1.29 25.58 -5.79
N ASN A 255 -1.51 25.04 -4.60
CA ASN A 255 -0.78 25.48 -3.44
C ASN A 255 0.53 24.74 -3.17
N LYS A 256 1.34 25.33 -2.29
CA LYS A 256 2.65 24.81 -1.90
C LYS A 256 3.64 24.94 -3.05
N LYS A 257 3.65 26.11 -3.67
CA LYS A 257 4.54 26.33 -4.80
C LYS A 257 5.96 26.55 -4.31
N ASP A 258 6.10 27.02 -3.08
CA ASP A 258 7.42 27.23 -2.49
C ASP A 258 8.13 25.90 -2.27
N LEU A 259 7.39 24.93 -1.74
CA LEU A 259 7.91 23.58 -1.47
C LEU A 259 8.14 22.76 -2.74
N PHE A 260 7.35 23.05 -3.77
CA PHE A 260 7.45 22.37 -5.04
C PHE A 260 8.65 22.87 -5.82
N GLU A 261 8.80 24.19 -5.84
CA GLU A 261 9.88 24.86 -6.55
C GLU A 261 11.23 24.29 -6.11
N GLU A 262 11.29 23.83 -4.87
CA GLU A 262 12.52 23.27 -4.35
C GLU A 262 12.48 21.74 -4.38
N LYS A 263 11.30 21.20 -4.69
CA LYS A 263 11.09 19.77 -4.75
C LYS A 263 11.53 19.17 -6.08
N ILE A 264 11.09 19.77 -7.18
CA ILE A 264 11.43 19.25 -8.51
C ILE A 264 12.92 19.07 -8.71
N LYS A 265 13.68 20.03 -8.24
CA LYS A 265 15.12 19.93 -8.40
C LYS A 265 15.65 18.54 -8.05
N LYS A 266 15.39 18.06 -6.84
CA LYS A 266 15.91 16.75 -6.48
C LYS A 266 15.08 15.52 -6.84
N SER A 267 13.87 15.37 -6.31
CA SER A 267 13.06 14.21 -6.67
C SER A 267 12.37 14.48 -8.01
N PRO A 268 12.34 13.48 -8.92
CA PRO A 268 11.70 13.64 -10.23
C PRO A 268 10.18 13.71 -10.23
N LEU A 269 9.60 14.17 -11.33
CA LEU A 269 8.15 14.31 -11.46
C LEU A 269 7.53 13.13 -12.16
N THR A 270 8.38 12.24 -12.69
CA THR A 270 7.91 11.05 -13.39
C THR A 270 7.27 10.10 -12.39
N ILE A 271 7.47 10.36 -11.10
CA ILE A 271 6.93 9.51 -10.05
C ILE A 271 5.41 9.65 -9.97
N CYS A 272 4.86 10.54 -10.79
CA CYS A 272 3.44 10.80 -10.80
C CYS A 272 2.85 10.79 -12.21
N TYR A 273 3.68 11.16 -13.19
CA TYR A 273 3.25 11.19 -14.59
C TYR A 273 4.27 10.41 -15.45
N PRO A 274 4.15 9.08 -15.49
CA PRO A 274 5.06 8.22 -16.26
C PRO A 274 5.25 8.68 -17.70
N GLU A 275 4.33 9.50 -18.18
CA GLU A 275 4.39 10.00 -19.56
C GLU A 275 5.03 11.39 -19.70
N TYR A 276 5.30 12.05 -18.59
CA TYR A 276 5.91 13.36 -18.63
C TYR A 276 7.30 13.23 -19.23
N ALA A 277 7.48 13.80 -20.41
CA ALA A 277 8.77 13.73 -21.09
C ALA A 277 9.52 15.04 -20.93
N GLY A 278 8.86 16.02 -20.33
CA GLY A 278 9.46 17.33 -20.13
C GLY A 278 10.67 17.30 -19.22
N SER A 279 11.02 18.46 -18.70
CA SER A 279 12.17 18.58 -17.81
C SER A 279 11.73 18.85 -16.36
N ASN A 280 12.68 18.70 -15.43
CA ASN A 280 12.40 18.91 -14.02
C ASN A 280 12.58 20.35 -13.61
N THR A 281 11.90 21.25 -14.32
CA THR A 281 11.96 22.68 -14.07
C THR A 281 10.69 23.11 -13.40
N TYR A 282 10.79 24.14 -12.55
CA TYR A 282 9.63 24.67 -11.84
C TYR A 282 8.64 25.20 -12.84
N GLU A 283 9.12 26.05 -13.75
CA GLU A 283 8.25 26.65 -14.73
C GLU A 283 7.56 25.64 -15.65
N GLU A 284 8.35 24.73 -16.23
CA GLU A 284 7.84 23.70 -17.14
C GLU A 284 6.97 22.62 -16.50
N ALA A 285 7.34 22.17 -15.30
CA ALA A 285 6.57 21.12 -14.62
C ALA A 285 5.25 21.68 -14.05
N ALA A 286 5.33 22.83 -13.40
CA ALA A 286 4.15 23.47 -12.83
C ALA A 286 3.10 23.75 -13.90
N ALA A 287 3.57 24.18 -15.07
CA ALA A 287 2.70 24.48 -16.19
C ALA A 287 2.07 23.19 -16.73
N TYR A 288 2.75 22.06 -16.53
CA TYR A 288 2.28 20.75 -16.96
C TYR A 288 1.11 20.29 -16.07
N ILE A 289 1.32 20.40 -14.76
CA ILE A 289 0.32 20.02 -13.78
C ILE A 289 -1.00 20.81 -13.94
N GLN A 290 -0.87 22.11 -14.17
CA GLN A 290 -2.04 22.96 -14.33
C GLN A 290 -2.89 22.52 -15.51
N CYS A 291 -2.26 21.94 -16.50
CA CYS A 291 -3.00 21.48 -17.66
C CYS A 291 -3.62 20.15 -17.34
N GLN A 292 -2.94 19.38 -16.49
CA GLN A 292 -3.46 18.07 -16.09
C GLN A 292 -4.84 18.22 -15.50
N PHE A 293 -5.04 19.34 -14.80
CA PHE A 293 -6.30 19.65 -14.15
C PHE A 293 -7.34 20.29 -15.05
N GLU A 294 -7.00 21.43 -15.65
CA GLU A 294 -7.96 22.09 -16.53
C GLU A 294 -8.50 21.18 -17.62
N ASP A 295 -7.79 20.09 -17.89
CA ASP A 295 -8.18 19.16 -18.92
C ASP A 295 -9.35 18.30 -18.45
N LEU A 296 -9.48 18.16 -17.13
CA LEU A 296 -10.56 17.34 -16.57
C LEU A 296 -11.89 18.02 -16.78
N ASN A 297 -11.83 19.26 -17.26
CA ASN A 297 -13.02 20.05 -17.50
C ASN A 297 -13.75 19.56 -18.74
N LYS A 298 -14.92 18.95 -18.54
CA LYS A 298 -15.68 18.44 -19.65
C LYS A 298 -16.45 19.54 -20.35
N ARG A 299 -16.68 20.65 -19.66
CA ARG A 299 -17.40 21.80 -20.22
C ARG A 299 -16.45 22.94 -20.45
N LYS A 300 -15.43 22.73 -21.27
CA LYS A 300 -14.43 23.76 -21.53
C LYS A 300 -15.01 25.01 -22.23
N ASP A 301 -16.22 24.86 -22.77
CA ASP A 301 -16.87 25.94 -23.49
C ASP A 301 -17.64 26.85 -22.55
N THR A 302 -18.49 26.26 -21.72
CA THR A 302 -19.31 27.01 -20.78
C THR A 302 -18.60 27.32 -19.45
N LYS A 303 -18.15 26.27 -18.76
CA LYS A 303 -17.46 26.38 -17.48
C LYS A 303 -16.01 26.91 -17.61
N GLU A 304 -15.65 27.87 -16.77
CA GLU A 304 -14.32 28.44 -16.78
C GLU A 304 -13.60 28.23 -15.45
N ILE A 305 -12.34 27.86 -15.50
CA ILE A 305 -11.54 27.61 -14.31
C ILE A 305 -10.53 28.72 -14.12
N TYR A 306 -10.50 29.27 -12.93
CA TYR A 306 -9.59 30.34 -12.59
C TYR A 306 -8.44 29.81 -11.76
N THR A 307 -7.35 29.40 -12.42
CA THR A 307 -6.18 28.84 -11.76
C THR A 307 -5.27 29.91 -11.13
N HIS A 308 -4.57 29.51 -10.07
CA HIS A 308 -3.65 30.38 -9.36
C HIS A 308 -2.61 29.54 -8.65
N PHE A 309 -1.41 30.10 -8.55
CA PHE A 309 -0.28 29.45 -7.88
C PHE A 309 -0.11 30.23 -6.57
N THR A 310 -0.42 29.55 -5.46
CA THR A 310 -0.34 30.17 -4.15
C THR A 310 0.65 29.56 -3.18
N CYS A 311 0.80 30.24 -2.05
CA CYS A 311 1.68 29.83 -0.99
C CYS A 311 0.94 30.23 0.28
N ALA A 312 -0.04 29.42 0.69
CA ALA A 312 -0.89 29.69 1.85
C ALA A 312 -0.20 30.24 3.08
N THR A 313 1.03 29.81 3.36
CA THR A 313 1.73 30.31 4.53
C THR A 313 2.22 31.76 4.42
N ASP A 314 2.35 32.25 3.19
CA ASP A 314 2.81 33.61 2.95
C ASP A 314 1.59 34.50 2.90
N THR A 315 1.51 35.42 3.87
CA THR A 315 0.38 36.31 3.96
C THR A 315 0.24 37.18 2.74
N LYS A 316 1.28 37.95 2.43
CA LYS A 316 1.28 38.85 1.27
C LYS A 316 0.77 38.19 -0.02
N ASN A 317 1.19 36.95 -0.28
CA ASN A 317 0.76 36.24 -1.47
C ASN A 317 -0.73 35.92 -1.38
N VAL A 318 -1.16 35.44 -0.22
CA VAL A 318 -2.56 35.13 -0.03
C VAL A 318 -3.46 36.36 -0.19
N GLN A 319 -2.97 37.53 0.25
CA GLN A 319 -3.73 38.76 0.13
C GLN A 319 -3.83 39.25 -1.30
N PHE A 320 -2.78 39.01 -2.08
CA PHE A 320 -2.76 39.42 -3.48
C PHE A 320 -3.72 38.53 -4.28
N VAL A 321 -3.54 37.22 -4.15
CA VAL A 321 -4.37 36.25 -4.84
C VAL A 321 -5.85 36.32 -4.49
N PHE A 322 -6.17 36.61 -3.23
CA PHE A 322 -7.56 36.67 -2.81
C PHE A 322 -8.28 37.90 -3.37
N ASP A 323 -7.51 38.94 -3.64
CA ASP A 323 -8.06 40.17 -4.19
C ASP A 323 -8.42 39.96 -5.65
N ALA A 324 -7.67 39.06 -6.32
CA ALA A 324 -7.91 38.73 -7.72
C ALA A 324 -9.08 37.75 -7.83
N VAL A 325 -9.36 37.05 -6.73
CA VAL A 325 -10.44 36.07 -6.66
C VAL A 325 -11.76 36.78 -6.43
N THR A 326 -11.72 37.84 -5.63
CA THR A 326 -12.90 38.64 -5.33
C THR A 326 -13.35 39.43 -6.57
N ASP A 327 -12.40 39.93 -7.36
CA ASP A 327 -12.74 40.66 -8.58
C ASP A 327 -13.43 39.72 -9.59
N VAL A 328 -13.13 38.43 -9.51
CA VAL A 328 -13.73 37.44 -10.40
C VAL A 328 -15.15 37.16 -9.94
N ILE A 329 -15.33 36.99 -8.63
CA ILE A 329 -16.66 36.71 -8.08
C ILE A 329 -17.64 37.84 -8.42
N ILE A 330 -17.15 39.08 -8.35
CA ILE A 330 -17.97 40.24 -8.66
C ILE A 330 -18.37 40.32 -10.13
N LYS A 331 -17.42 40.15 -11.05
CA LYS A 331 -17.71 40.19 -12.47
C LYS A 331 -18.66 39.08 -12.91
N ASN A 332 -18.63 37.94 -12.23
CA ASN A 332 -19.48 36.80 -12.56
C ASN A 332 -20.85 36.77 -11.88
N ASN A 333 -21.20 37.84 -11.17
CA ASN A 333 -22.49 37.88 -10.49
C ASN A 333 -23.18 39.24 -10.55
N LEU A 334 -22.51 40.28 -10.07
CA LEU A 334 -23.06 41.63 -10.07
C LEU A 334 -22.71 42.39 -11.34
N LYS A 335 -22.98 41.77 -12.49
CA LYS A 335 -22.70 42.39 -13.78
C LYS A 335 -23.96 43.01 -14.37
N PRO B 10 -12.47 -6.94 1.61
CA PRO B 10 -11.82 -7.34 0.35
C PRO B 10 -10.38 -7.76 0.60
N GLY B 11 -9.90 -7.48 1.81
CA GLY B 11 -8.54 -7.79 2.20
C GLY B 11 -7.84 -6.54 2.71
N LEU B 12 -7.33 -6.61 3.92
CA LEU B 12 -6.66 -5.47 4.52
C LEU B 12 -5.18 -5.73 4.69
N VAL B 13 -4.44 -4.67 4.98
CA VAL B 13 -3.00 -4.77 5.18
C VAL B 13 -2.58 -3.78 6.25
N PRO B 14 -1.56 -4.13 7.05
CA PRO B 14 -1.05 -3.26 8.12
C PRO B 14 -0.01 -2.28 7.58
N VAL B 15 0.04 -1.09 8.16
CA VAL B 15 0.98 -0.06 7.73
C VAL B 15 2.38 -0.41 8.21
N SER B 16 3.38 -0.07 7.41
CA SER B 16 4.77 -0.35 7.74
C SER B 16 5.29 0.64 8.79
N ILE B 17 5.31 1.90 8.40
CA ILE B 17 5.80 2.98 9.25
C ILE B 17 4.65 3.77 9.84
N ILE B 18 4.77 4.12 11.12
CA ILE B 18 3.74 4.85 11.84
C ILE B 18 3.52 6.27 11.33
N GLY B 19 2.26 6.63 11.11
CA GLY B 19 1.93 7.98 10.67
C GLY B 19 1.49 8.84 11.85
N ALA B 20 2.05 10.04 11.94
CA ALA B 20 1.74 10.97 13.03
C ALA B 20 0.25 11.15 13.34
N GLU B 21 -0.59 11.26 12.32
CA GLU B 21 -2.03 11.46 12.50
C GLU B 21 -2.88 10.26 12.07
N ASP B 22 -2.41 9.06 12.39
CA ASP B 22 -3.16 7.86 12.03
C ASP B 22 -4.23 7.53 13.05
N GLU B 23 -3.94 7.78 14.32
CA GLU B 23 -4.91 7.52 15.38
C GLU B 23 -6.07 8.47 15.29
N ASP B 24 -5.88 9.60 14.60
CA ASP B 24 -6.94 10.61 14.41
C ASP B 24 -8.00 10.06 13.46
N PHE B 25 -7.65 9.02 12.72
CA PHE B 25 -8.57 8.40 11.79
C PHE B 25 -8.59 6.89 11.96
N GLU B 26 -8.60 6.41 13.20
CA GLU B 26 -8.61 4.98 13.45
C GLU B 26 -9.89 4.26 13.01
N ASN B 27 -11.05 4.85 13.29
CA ASN B 27 -12.32 4.23 12.93
C ASN B 27 -12.87 4.71 11.60
N GLU B 28 -12.07 5.44 10.85
CA GLU B 28 -12.50 5.96 9.56
C GLU B 28 -11.95 5.08 8.46
N LEU B 29 -10.86 4.37 8.77
CA LEU B 29 -10.20 3.47 7.83
C LEU B 29 -11.00 2.19 7.61
N GLU B 30 -10.43 1.28 6.83
CA GLU B 30 -11.07 0.00 6.52
C GLU B 30 -12.44 0.22 5.89
N THR B 31 -12.44 0.33 4.56
CA THR B 31 -13.67 0.56 3.80
C THR B 31 -14.27 -0.77 3.33
N SER B 38 -19.35 -4.54 -3.38
CA SER B 38 -20.04 -4.75 -4.64
C SER B 38 -21.56 -4.62 -4.46
N GLN B 39 -22.03 -3.40 -4.23
CA GLN B 39 -23.45 -3.19 -4.03
C GLN B 39 -24.14 -2.63 -5.28
N PHE B 40 -23.35 -2.14 -6.24
CA PHE B 40 -23.91 -1.59 -7.45
C PHE B 40 -23.19 -2.11 -8.66
N GLN B 41 -23.15 -3.43 -8.84
CA GLN B 41 -22.47 -4.03 -9.98
C GLN B 41 -23.41 -4.20 -11.17
N SER B 42 -24.67 -4.45 -10.87
CA SER B 42 -25.67 -4.61 -11.92
C SER B 42 -27.00 -4.02 -11.43
N LEU B 43 -27.88 -3.66 -12.36
CA LEU B 43 -29.16 -3.10 -11.99
C LEU B 43 -30.04 -4.20 -11.42
N GLU B 44 -29.83 -5.42 -11.90
CA GLU B 44 -30.60 -6.56 -11.46
C GLU B 44 -30.38 -6.80 -9.96
N GLN B 45 -29.28 -6.27 -9.44
CA GLN B 45 -28.95 -6.44 -8.03
C GLN B 45 -29.57 -5.39 -7.12
N VAL B 46 -29.43 -4.13 -7.50
CA VAL B 46 -29.96 -3.03 -6.70
C VAL B 46 -31.46 -2.76 -6.89
N LYS B 47 -32.03 -3.21 -8.00
CA LYS B 47 -33.45 -2.97 -8.29
C LYS B 47 -34.37 -3.50 -7.20
N ARG B 48 -33.82 -4.32 -6.31
CA ARG B 48 -34.61 -4.89 -5.21
C ARG B 48 -34.46 -4.04 -3.94
N ARG B 49 -33.31 -3.40 -3.79
CA ARG B 49 -33.04 -2.57 -2.62
C ARG B 49 -33.59 -1.18 -2.84
N PRO B 50 -34.65 -0.81 -2.10
CA PRO B 50 -35.30 0.50 -2.20
C PRO B 50 -34.42 1.66 -1.75
N ALA B 51 -33.73 1.47 -0.64
CA ALA B 51 -32.87 2.52 -0.11
C ALA B 51 -31.67 2.75 -1.02
N HIS B 52 -30.95 1.68 -1.32
CA HIS B 52 -29.76 1.79 -2.16
C HIS B 52 -30.10 2.41 -3.50
N LEU B 53 -31.28 2.06 -4.01
CA LEU B 53 -31.73 2.57 -5.30
C LEU B 53 -31.96 4.07 -5.22
N MET B 54 -32.48 4.54 -4.10
CA MET B 54 -32.72 5.97 -3.94
C MET B 54 -31.42 6.76 -3.93
N ALA B 55 -30.31 6.10 -3.63
CA ALA B 55 -29.01 6.75 -3.61
C ALA B 55 -28.55 6.89 -5.08
N LEU B 56 -28.78 5.81 -5.84
CA LEU B 56 -28.46 5.76 -7.27
C LEU B 56 -29.41 6.70 -8.03
N LEU B 57 -30.72 6.48 -7.82
CA LEU B 57 -31.76 7.29 -8.46
C LEU B 57 -31.53 8.77 -8.29
N GLN B 58 -30.92 9.16 -7.19
CA GLN B 58 -30.64 10.57 -6.99
C GLN B 58 -29.47 10.99 -7.89
N HIS B 59 -28.34 10.31 -7.75
CA HIS B 59 -27.13 10.60 -8.53
C HIS B 59 -27.46 10.77 -10.01
N VAL B 60 -28.17 9.80 -10.57
CA VAL B 60 -28.54 9.85 -11.98
C VAL B 60 -29.46 11.04 -12.28
N ALA B 61 -30.66 11.03 -11.69
CA ALA B 61 -31.64 12.08 -11.91
C ALA B 61 -31.03 13.46 -11.87
N LEU B 62 -30.07 13.63 -10.98
CA LEU B 62 -29.39 14.90 -10.81
C LEU B 62 -28.26 15.18 -11.81
N GLN B 63 -27.37 14.21 -12.01
CA GLN B 63 -26.21 14.38 -12.90
C GLN B 63 -26.40 13.99 -14.35
N PHE B 64 -27.08 12.87 -14.60
CA PHE B 64 -27.28 12.45 -15.98
C PHE B 64 -28.73 12.62 -16.41
N GLU B 65 -29.14 11.84 -17.40
CA GLU B 65 -30.51 11.87 -17.90
C GLU B 65 -31.25 10.66 -17.35
N PRO B 66 -32.29 10.90 -16.56
CA PRO B 66 -33.11 9.84 -15.94
C PRO B 66 -33.77 8.86 -16.92
N GLY B 67 -33.71 9.19 -18.20
CA GLY B 67 -34.32 8.32 -19.20
C GLY B 67 -34.02 6.84 -19.05
N PRO B 68 -32.88 6.37 -19.56
CA PRO B 68 -32.46 4.97 -19.51
C PRO B 68 -32.72 4.24 -18.20
N LEU B 69 -32.28 4.82 -17.09
CA LEU B 69 -32.48 4.17 -15.81
C LEU B 69 -33.96 3.97 -15.43
N LEU B 70 -34.75 5.04 -15.51
CA LEU B 70 -36.17 4.94 -15.18
C LEU B 70 -36.83 3.92 -16.10
N CYS B 71 -36.54 4.04 -17.39
CA CYS B 71 -37.09 3.14 -18.40
C CYS B 71 -36.88 1.69 -17.94
N CYS B 72 -35.64 1.32 -17.64
CA CYS B 72 -35.32 -0.04 -17.18
C CYS B 72 -36.19 -0.47 -16.00
N LEU B 73 -36.33 0.43 -15.02
CA LEU B 73 -37.11 0.13 -13.84
C LEU B 73 -38.60 -0.04 -14.15
N HIS B 74 -39.17 0.88 -14.91
CA HIS B 74 -40.59 0.78 -15.26
C HIS B 74 -40.82 -0.42 -16.15
N ALA B 75 -39.85 -0.72 -17.00
CA ALA B 75 -39.94 -1.85 -17.91
C ALA B 75 -40.01 -3.15 -17.10
N ASP B 76 -38.91 -3.50 -16.46
CA ASP B 76 -38.83 -4.71 -15.66
C ASP B 76 -39.93 -4.79 -14.62
N MET B 77 -40.64 -3.68 -14.42
CA MET B 77 -41.74 -3.66 -13.46
C MET B 77 -42.82 -4.60 -13.95
N LEU B 78 -42.83 -4.85 -15.27
CA LEU B 78 -43.80 -5.73 -15.91
C LEU B 78 -43.50 -7.20 -15.62
N GLY B 79 -44.55 -7.97 -15.32
CA GLY B 79 -44.38 -9.38 -15.02
C GLY B 79 -45.66 -10.06 -14.58
N SER B 80 -46.78 -9.36 -14.76
CA SER B 80 -48.09 -9.90 -14.36
C SER B 80 -49.22 -8.99 -14.82
N LYS B 87 -50.02 -5.55 -19.14
CA LYS B 87 -51.37 -5.18 -19.53
C LYS B 87 -51.48 -3.68 -19.79
N LYS B 88 -52.11 -2.97 -18.85
CA LYS B 88 -52.30 -1.52 -18.95
C LYS B 88 -51.00 -0.76 -18.73
N ALA B 89 -50.00 -1.47 -18.19
CA ALA B 89 -48.69 -0.88 -17.90
C ALA B 89 -48.01 -0.42 -19.18
N PHE B 90 -48.14 -1.23 -20.23
CA PHE B 90 -47.52 -0.90 -21.52
C PHE B 90 -48.16 0.37 -22.08
N LEU B 91 -49.37 0.66 -21.63
CA LEU B 91 -50.12 1.83 -22.06
C LEU B 91 -49.42 3.12 -21.63
N ASP B 92 -49.13 3.21 -20.34
CA ASP B 92 -48.50 4.38 -19.76
C ASP B 92 -47.00 4.41 -20.04
N PHE B 93 -46.43 3.23 -20.23
CA PHE B 93 -45.01 3.08 -20.51
C PHE B 93 -44.68 3.75 -21.84
N TYR B 94 -45.41 3.39 -22.89
CA TYR B 94 -45.20 3.96 -24.22
C TYR B 94 -45.47 5.45 -24.26
N HIS B 95 -46.23 5.94 -23.29
CA HIS B 95 -46.59 7.35 -23.24
C HIS B 95 -45.61 8.22 -22.44
N SER B 96 -44.60 7.59 -21.84
CA SER B 96 -43.64 8.32 -21.04
C SER B 96 -42.19 8.10 -21.46
N PHE B 97 -41.95 7.07 -22.25
CA PHE B 97 -40.58 6.75 -22.68
C PHE B 97 -40.38 6.58 -24.18
N LEU B 98 -41.26 5.80 -24.81
CA LEU B 98 -41.15 5.54 -26.23
C LEU B 98 -41.82 6.58 -27.14
N GLU B 99 -42.84 7.26 -26.61
CA GLU B 99 -43.57 8.27 -27.37
C GLU B 99 -42.60 9.28 -28.01
N LYS B 100 -42.73 9.46 -29.32
CA LYS B 100 -41.88 10.38 -30.06
C LYS B 100 -41.81 11.74 -29.37
N THR B 101 -42.83 12.05 -28.60
CA THR B 101 -42.92 13.33 -27.90
C THR B 101 -42.88 13.19 -26.39
N ALA B 102 -42.67 11.96 -25.91
CA ALA B 102 -42.61 11.69 -24.48
C ALA B 102 -41.60 12.60 -23.79
N VAL B 103 -41.81 12.84 -22.50
CA VAL B 103 -40.93 13.68 -21.72
C VAL B 103 -39.61 12.95 -21.45
N LEU B 104 -39.71 11.72 -20.94
CA LEU B 104 -38.53 10.93 -20.64
C LEU B 104 -38.14 10.03 -21.82
N ARG B 105 -38.07 10.63 -23.00
CA ARG B 105 -37.70 9.91 -24.21
C ARG B 105 -36.36 9.23 -24.03
N VAL B 106 -36.24 8.02 -24.55
CA VAL B 106 -35.02 7.25 -24.47
C VAL B 106 -34.55 6.86 -25.87
N PRO B 107 -33.23 6.84 -26.08
CA PRO B 107 -32.70 6.48 -27.40
C PRO B 107 -33.00 5.00 -27.73
N VAL B 108 -33.91 4.79 -28.69
CA VAL B 108 -34.30 3.45 -29.12
C VAL B 108 -33.70 3.07 -30.48
N PRO B 109 -33.51 1.76 -30.73
CA PRO B 109 -32.95 1.25 -31.99
C PRO B 109 -33.74 1.69 -33.22
N PRO B 110 -33.03 1.93 -34.34
CA PRO B 110 -33.68 2.36 -35.59
C PRO B 110 -34.72 1.32 -36.04
N ASN B 111 -34.57 0.11 -35.53
CA ASN B 111 -35.47 -1.01 -35.87
C ASN B 111 -36.91 -0.77 -35.38
N VAL B 112 -37.10 -0.72 -34.07
CA VAL B 112 -38.42 -0.52 -33.48
C VAL B 112 -39.01 0.87 -33.71
N ALA B 113 -38.14 1.86 -33.88
CA ALA B 113 -38.58 3.23 -34.11
C ALA B 113 -39.51 3.25 -35.32
N PHE B 114 -39.13 2.45 -36.32
CA PHE B 114 -39.89 2.32 -37.56
C PHE B 114 -41.19 1.55 -37.34
N GLU B 115 -41.12 0.51 -36.51
CA GLU B 115 -42.27 -0.33 -36.21
C GLU B 115 -43.30 0.39 -35.33
N LEU B 116 -43.18 1.72 -35.26
CA LEU B 116 -44.09 2.55 -34.46
C LEU B 116 -44.33 3.91 -35.10
N ASP B 127 -48.46 -9.79 -25.84
CA ASP B 127 -47.86 -10.82 -26.68
C ASP B 127 -46.57 -10.31 -27.31
N VAL B 128 -46.63 -9.90 -28.58
CA VAL B 128 -45.45 -9.39 -29.28
C VAL B 128 -44.87 -8.24 -28.47
N GLN B 129 -45.69 -7.69 -27.59
CA GLN B 129 -45.28 -6.59 -26.74
C GLN B 129 -43.98 -6.96 -26.05
N ARG B 130 -43.82 -8.25 -25.78
CA ARG B 130 -42.63 -8.79 -25.13
C ARG B 130 -41.34 -8.43 -25.88
N ARG B 131 -41.35 -8.64 -27.19
CA ARG B 131 -40.20 -8.35 -28.02
C ARG B 131 -39.87 -6.86 -28.02
N PHE B 132 -40.90 -6.03 -28.14
CA PHE B 132 -40.68 -4.59 -28.14
C PHE B 132 -40.07 -4.07 -26.85
N VAL B 133 -40.68 -4.37 -25.71
CA VAL B 133 -40.16 -3.94 -24.42
C VAL B 133 -38.72 -4.40 -24.25
N GLN B 134 -38.48 -5.68 -24.55
CA GLN B 134 -37.16 -6.26 -24.45
C GLN B 134 -36.17 -5.55 -25.36
N GLU B 135 -36.66 -5.07 -26.50
CA GLU B 135 -35.82 -4.39 -27.47
C GLU B 135 -35.48 -2.95 -27.08
N VAL B 136 -36.21 -2.41 -26.12
CA VAL B 136 -35.97 -1.03 -25.67
C VAL B 136 -34.98 -1.05 -24.54
N VAL B 137 -35.11 -2.06 -23.68
CA VAL B 137 -34.23 -2.22 -22.53
C VAL B 137 -32.78 -2.43 -22.97
N GLN B 138 -32.56 -3.40 -23.86
CA GLN B 138 -31.20 -3.69 -24.33
C GLN B 138 -30.47 -2.48 -24.90
N SER B 139 -31.21 -1.51 -25.43
CA SER B 139 -30.56 -0.32 -25.96
C SER B 139 -30.16 0.63 -24.82
N GLN B 140 -30.73 0.42 -23.64
CA GLN B 140 -30.40 1.28 -22.50
C GLN B 140 -29.36 0.64 -21.58
N GLN B 141 -28.85 -0.53 -21.97
CA GLN B 141 -27.86 -1.25 -21.18
C GLN B 141 -26.56 -0.46 -21.04
N VAL B 142 -26.04 0.01 -22.16
CA VAL B 142 -24.81 0.77 -22.16
C VAL B 142 -24.87 2.02 -21.30
N ALA B 143 -26.05 2.64 -21.23
CA ALA B 143 -26.21 3.85 -20.44
C ALA B 143 -26.35 3.52 -18.95
N VAL B 144 -27.22 2.57 -18.63
CA VAL B 144 -27.40 2.17 -17.24
C VAL B 144 -26.05 1.66 -16.69
N GLY B 145 -25.37 0.84 -17.49
CA GLY B 145 -24.08 0.29 -17.06
C GLY B 145 -23.05 1.37 -16.80
N ARG B 146 -23.00 2.36 -17.70
CA ARG B 146 -22.05 3.46 -17.59
C ARG B 146 -22.33 4.45 -16.44
N GLN B 147 -23.56 4.46 -15.93
CA GLN B 147 -23.91 5.37 -14.82
C GLN B 147 -23.69 4.66 -13.49
N LEU B 148 -23.89 3.35 -13.47
CA LEU B 148 -23.66 2.57 -12.26
C LEU B 148 -22.18 2.65 -11.93
N GLU B 149 -21.36 2.62 -12.98
CA GLU B 149 -19.93 2.69 -12.79
C GLU B 149 -19.55 4.04 -12.25
N ASP B 150 -20.17 5.10 -12.79
CA ASP B 150 -19.89 6.46 -12.34
C ASP B 150 -20.28 6.64 -10.88
N PHE B 151 -21.35 5.96 -10.47
CA PHE B 151 -21.79 6.03 -9.11
C PHE B 151 -20.76 5.33 -8.25
N ARG B 152 -20.38 4.13 -8.66
CA ARG B 152 -19.38 3.33 -7.96
C ARG B 152 -18.13 4.17 -7.70
N SER B 153 -17.60 4.78 -8.76
CA SER B 153 -16.42 5.63 -8.70
C SER B 153 -16.55 6.71 -7.64
N LYS B 154 -17.67 7.42 -7.68
CA LYS B 154 -17.95 8.46 -6.72
C LYS B 154 -18.09 7.83 -5.34
N ARG B 155 -18.78 6.71 -5.25
CA ARG B 155 -18.96 6.04 -3.97
C ARG B 155 -17.63 5.98 -3.21
N LEU B 156 -16.66 5.32 -3.80
CA LEU B 156 -15.34 5.14 -3.22
C LEU B 156 -14.73 6.46 -2.79
N MET B 157 -14.68 7.43 -3.69
CA MET B 157 -14.10 8.72 -3.36
C MET B 157 -14.87 9.44 -2.28
N GLY B 158 -16.05 8.91 -1.95
CA GLY B 158 -16.89 9.53 -0.94
C GLY B 158 -17.65 10.71 -1.47
N MET B 159 -17.81 10.76 -2.78
CA MET B 159 -18.51 11.85 -3.43
C MET B 159 -19.96 11.51 -3.78
N THR B 160 -20.61 10.69 -2.96
CA THR B 160 -22.00 10.33 -3.19
C THR B 160 -22.77 10.73 -1.94
N PRO B 161 -24.05 11.09 -2.09
CA PRO B 161 -24.91 11.50 -0.98
C PRO B 161 -25.55 10.33 -0.23
N TRP B 162 -26.03 10.59 0.98
CA TRP B 162 -26.68 9.56 1.78
C TRP B 162 -25.78 8.38 2.19
N GLU B 163 -24.47 8.53 2.06
CA GLU B 163 -23.56 7.45 2.46
C GLU B 163 -23.75 7.08 3.94
N GLN B 164 -24.10 8.08 4.73
CA GLN B 164 -24.33 7.90 6.15
C GLN B 164 -25.43 6.86 6.37
N GLU B 165 -26.67 7.23 6.04
CA GLU B 165 -27.82 6.36 6.19
C GLU B 165 -27.60 5.04 5.48
N LEU B 166 -26.92 5.11 4.34
CA LEU B 166 -26.61 3.93 3.54
C LEU B 166 -25.73 2.96 4.34
N ALA B 167 -24.65 3.47 4.90
CA ALA B 167 -23.74 2.66 5.70
C ALA B 167 -24.42 2.16 7.00
N GLN B 168 -25.15 3.06 7.64
CA GLN B 168 -25.83 2.71 8.87
C GLN B 168 -26.87 1.62 8.64
N LEU B 169 -27.30 1.47 7.39
CA LEU B 169 -28.30 0.47 7.04
C LEU B 169 -27.60 -0.82 6.67
N GLU B 170 -26.27 -0.80 6.78
CA GLU B 170 -25.48 -1.96 6.46
C GLU B 170 -25.01 -2.69 7.71
N ALA B 171 -24.60 -1.94 8.72
CA ALA B 171 -24.14 -2.54 9.96
C ALA B 171 -25.35 -2.83 10.84
N TRP B 172 -26.20 -3.73 10.37
CA TRP B 172 -27.40 -4.10 11.09
C TRP B 172 -27.45 -5.61 11.29
N VAL B 173 -27.44 -6.05 12.54
CA VAL B 173 -27.49 -7.48 12.84
C VAL B 173 -28.84 -7.86 13.44
N GLY B 174 -29.28 -9.09 13.18
CA GLY B 174 -30.55 -9.53 13.70
C GLY B 174 -31.02 -10.86 13.14
N ARG B 175 -31.58 -11.69 14.01
CA ARG B 175 -32.09 -13.00 13.61
C ARG B 175 -33.40 -12.80 12.86
N ASP B 176 -33.83 -11.55 12.79
CA ASP B 176 -35.08 -11.18 12.12
C ASP B 176 -34.80 -10.58 10.74
N ARG B 177 -35.10 -11.35 9.70
CA ARG B 177 -34.90 -10.93 8.32
C ARG B 177 -35.92 -9.89 7.88
N ALA B 178 -37.19 -10.29 7.88
CA ALA B 178 -38.29 -9.43 7.47
C ALA B 178 -38.28 -8.05 8.12
N SER B 179 -37.63 -7.93 9.27
CA SER B 179 -37.57 -6.67 9.99
C SER B 179 -36.63 -5.68 9.32
N TYR B 180 -35.60 -6.19 8.66
CA TYR B 180 -34.64 -5.35 7.95
C TYR B 180 -35.36 -4.62 6.82
N GLU B 181 -35.93 -5.41 5.91
CA GLU B 181 -36.66 -4.88 4.77
C GLU B 181 -37.61 -3.79 5.23
N ALA B 182 -38.13 -3.97 6.44
CA ALA B 182 -39.08 -3.02 7.01
C ALA B 182 -38.51 -1.63 7.12
N ARG B 183 -37.31 -1.51 7.69
CA ARG B 183 -36.69 -0.21 7.85
C ARG B 183 -36.21 0.38 6.53
N GLU B 184 -35.88 -0.48 5.58
CA GLU B 184 -35.44 0.00 4.27
C GLU B 184 -36.53 0.90 3.69
N ARG B 185 -37.77 0.43 3.78
CA ARG B 185 -38.92 1.16 3.27
C ARG B 185 -39.05 2.56 3.88
N HIS B 186 -38.74 2.68 5.17
CA HIS B 186 -38.84 3.95 5.86
C HIS B 186 -37.68 4.86 5.44
N VAL B 187 -36.52 4.26 5.21
CA VAL B 187 -35.37 5.04 4.79
C VAL B 187 -35.69 5.62 3.41
N ALA B 188 -36.15 4.75 2.53
CA ALA B 188 -36.49 5.14 1.17
C ALA B 188 -37.46 6.32 1.22
N GLU B 189 -38.41 6.25 2.15
CA GLU B 189 -39.40 7.31 2.30
C GLU B 189 -38.71 8.62 2.62
N ARG B 190 -37.82 8.58 3.61
CA ARG B 190 -37.10 9.78 4.01
C ARG B 190 -36.36 10.37 2.82
N LEU B 191 -35.61 9.53 2.10
CA LEU B 191 -34.86 10.01 0.95
C LEU B 191 -35.76 10.49 -0.19
N LEU B 192 -36.77 9.67 -0.51
CA LEU B 192 -37.71 10.03 -1.56
C LEU B 192 -38.34 11.40 -1.34
N MET B 193 -38.60 11.74 -0.08
CA MET B 193 -39.19 13.03 0.26
C MET B 193 -38.13 14.13 0.17
N HIS B 194 -36.96 13.83 0.71
CA HIS B 194 -35.86 14.79 0.72
C HIS B 194 -35.49 15.14 -0.70
N LEU B 195 -35.66 14.18 -1.60
CA LEU B 195 -35.34 14.39 -3.00
C LEU B 195 -36.47 15.09 -3.73
N GLU B 196 -37.65 15.09 -3.11
CA GLU B 196 -38.81 15.72 -3.70
C GLU B 196 -38.82 17.22 -3.36
N GLU B 197 -38.98 17.50 -2.08
CA GLU B 197 -39.01 18.87 -1.60
C GLU B 197 -37.93 19.71 -2.28
N MET B 198 -36.71 19.19 -2.31
CA MET B 198 -35.61 19.89 -2.94
C MET B 198 -35.14 19.14 -4.18
N GLN B 199 -35.59 19.61 -5.34
CA GLN B 199 -35.22 18.99 -6.61
C GLN B 199 -34.91 20.04 -7.67
N HIS B 200 -34.65 21.27 -7.23
CA HIS B 200 -34.32 22.38 -8.11
C HIS B 200 -32.88 22.27 -8.65
N THR B 201 -32.51 21.08 -9.11
CA THR B 201 -31.17 20.85 -9.64
C THR B 201 -31.21 19.80 -10.74
N ILE B 202 -32.36 19.15 -10.91
CA ILE B 202 -32.50 18.13 -11.94
C ILE B 202 -32.21 18.73 -13.31
N SER B 203 -32.94 19.81 -13.64
CA SER B 203 -32.76 20.52 -14.91
C SER B 203 -33.65 21.77 -14.91
N THR B 204 -33.25 22.78 -15.68
CA THR B 204 -34.01 24.03 -15.78
C THR B 204 -35.50 23.76 -16.06
N ASP B 205 -35.78 22.63 -16.69
CA ASP B 205 -37.16 22.26 -17.03
C ASP B 205 -38.01 22.03 -15.79
N GLU B 206 -39.03 22.88 -15.62
CA GLU B 206 -39.94 22.80 -14.49
C GLU B 206 -40.91 21.63 -14.63
N GLU B 207 -40.89 20.97 -15.77
CA GLU B 207 -41.80 19.84 -15.97
C GLU B 207 -41.10 18.50 -15.98
N LYS B 208 -39.85 18.47 -16.47
CA LYS B 208 -39.10 17.23 -16.54
C LYS B 208 -38.92 16.65 -15.15
N SER B 209 -38.92 17.54 -14.16
CA SER B 209 -38.77 17.13 -12.77
C SER B 209 -40.02 16.44 -12.25
N ALA B 210 -41.17 16.86 -12.74
CA ALA B 210 -42.42 16.27 -12.31
C ALA B 210 -42.52 14.85 -12.85
N ALA B 211 -42.05 14.66 -14.07
CA ALA B 211 -42.10 13.34 -14.69
C ALA B 211 -41.24 12.36 -13.90
N VAL B 212 -40.01 12.77 -13.60
CA VAL B 212 -39.07 11.95 -12.86
C VAL B 212 -39.61 11.56 -11.50
N VAL B 213 -39.88 12.55 -10.66
CA VAL B 213 -40.40 12.26 -9.33
C VAL B 213 -41.57 11.28 -9.40
N ASN B 214 -42.44 11.48 -10.39
CA ASN B 214 -43.60 10.63 -10.60
C ASN B 214 -43.18 9.24 -10.97
N ALA B 215 -42.26 9.15 -11.93
CA ALA B 215 -41.77 7.85 -12.40
C ALA B 215 -41.14 7.11 -11.22
N ILE B 216 -40.21 7.78 -10.54
CA ILE B 216 -39.58 7.19 -9.38
C ILE B 216 -40.68 6.82 -8.38
N GLY B 217 -41.62 7.74 -8.19
CA GLY B 217 -42.72 7.50 -7.26
C GLY B 217 -43.40 6.17 -7.54
N LEU B 218 -43.88 6.01 -8.76
CA LEU B 218 -44.56 4.77 -9.16
C LEU B 218 -43.77 3.51 -8.87
N TYR B 219 -42.50 3.48 -9.25
CA TYR B 219 -41.68 2.29 -9.01
C TYR B 219 -41.49 1.98 -7.54
N MET B 220 -41.23 3.02 -6.76
CA MET B 220 -41.04 2.87 -5.32
C MET B 220 -42.29 2.21 -4.74
N ARG B 221 -43.45 2.62 -5.23
CA ARG B 221 -44.70 2.04 -4.74
C ARG B 221 -44.75 0.56 -5.02
N HIS B 222 -44.02 0.11 -6.05
CA HIS B 222 -43.99 -1.30 -6.40
C HIS B 222 -43.19 -2.12 -5.39
N LEU B 223 -42.34 -1.43 -4.62
CA LEU B 223 -41.53 -2.06 -3.62
C LEU B 223 -42.22 -2.02 -2.25
N GLY B 224 -42.90 -0.92 -1.95
CA GLY B 224 -43.60 -0.81 -0.68
C GLY B 224 -43.45 0.56 -0.04
N VAL B 225 -42.92 1.50 -0.80
CA VAL B 225 -42.70 2.85 -0.30
C VAL B 225 -43.98 3.68 -0.33
N ARG B 226 -44.33 4.23 0.83
CA ARG B 226 -45.53 5.05 0.98
C ARG B 226 -45.33 6.43 0.37
N THR B 227 -46.38 6.95 -0.28
CA THR B 227 -46.33 8.26 -0.92
C THR B 227 -47.57 9.08 -0.60
N ALA C 9 30.78 -43.96 -3.63
CA ALA C 9 31.12 -42.53 -3.85
C ALA C 9 30.00 -41.61 -3.34
N ALA C 10 30.15 -40.31 -3.59
CA ALA C 10 29.15 -39.34 -3.16
C ALA C 10 28.82 -38.39 -4.32
N ARG C 11 27.92 -38.82 -5.20
CA ARG C 11 27.50 -38.01 -6.34
C ARG C 11 26.08 -37.48 -6.13
N GLU C 12 25.73 -37.27 -4.86
CA GLU C 12 24.41 -36.77 -4.49
C GLU C 12 24.51 -35.26 -4.32
N VAL C 13 23.68 -34.52 -5.05
CA VAL C 13 23.71 -33.07 -4.96
C VAL C 13 22.36 -32.49 -4.55
N LYS C 14 22.27 -31.94 -3.34
CA LYS C 14 21.04 -31.31 -2.86
C LYS C 14 21.14 -29.85 -3.25
N LEU C 15 20.24 -29.41 -4.12
CA LEU C 15 20.23 -28.04 -4.61
C LEU C 15 19.00 -27.28 -4.13
N LEU C 16 19.17 -26.01 -3.83
CA LEU C 16 18.02 -25.23 -3.37
C LEU C 16 17.72 -24.01 -4.23
N LEU C 17 16.44 -23.83 -4.55
CA LEU C 17 15.95 -22.68 -5.33
C LEU C 17 15.24 -21.73 -4.34
N LEU C 18 15.75 -20.52 -4.16
CA LEU C 18 15.10 -19.62 -3.21
C LEU C 18 14.93 -18.23 -3.80
N GLY C 19 14.22 -17.37 -3.06
CA GLY C 19 14.02 -16.01 -3.52
C GLY C 19 12.60 -15.60 -3.19
N ALA C 20 12.29 -14.32 -3.30
CA ALA C 20 10.95 -13.84 -3.00
C ALA C 20 9.93 -14.25 -4.07
N GLY C 21 8.66 -13.96 -3.82
CA GLY C 21 7.63 -14.31 -4.78
C GLY C 21 7.80 -13.78 -6.20
N GLU C 22 7.15 -14.50 -7.10
CA GLU C 22 7.14 -14.21 -8.53
C GLU C 22 8.55 -14.01 -9.10
N SER C 23 9.55 -14.58 -8.41
CA SER C 23 10.92 -14.48 -8.84
C SER C 23 11.24 -15.30 -10.12
N GLY C 24 10.85 -16.57 -10.15
CA GLY C 24 11.13 -17.38 -11.31
C GLY C 24 11.58 -18.77 -10.93
N LYS C 25 11.53 -19.05 -9.63
CA LYS C 25 11.93 -20.33 -9.07
C LYS C 25 11.33 -21.56 -9.72
N SER C 26 10.06 -21.50 -10.08
CA SER C 26 9.40 -22.65 -10.67
C SER C 26 9.66 -22.77 -12.17
N THR C 27 9.68 -21.63 -12.85
CA THR C 27 9.95 -21.61 -14.29
C THR C 27 11.20 -22.42 -14.55
N PHE C 28 12.23 -22.18 -13.74
CA PHE C 28 13.51 -22.87 -13.87
C PHE C 28 13.39 -24.37 -13.65
N LEU C 29 12.66 -24.76 -12.62
CA LEU C 29 12.50 -26.19 -12.36
C LEU C 29 11.75 -26.88 -13.53
N LYS C 30 10.85 -26.15 -14.19
CA LYS C 30 10.12 -26.67 -15.35
C LYS C 30 11.09 -26.86 -16.52
N GLN C 31 12.16 -26.08 -16.51
CA GLN C 31 13.20 -26.15 -17.55
C GLN C 31 14.05 -27.39 -17.31
N MET C 32 14.32 -27.70 -16.04
CA MET C 32 15.11 -28.88 -15.70
C MET C 32 14.36 -30.12 -16.13
N ARG C 33 13.04 -30.06 -16.03
CA ARG C 33 12.23 -31.17 -16.44
C ARG C 33 12.24 -31.21 -17.98
N ILE C 34 12.23 -30.03 -18.58
CA ILE C 34 12.22 -29.90 -20.05
C ILE C 34 13.55 -30.32 -20.65
N ILE C 35 14.63 -29.77 -20.12
CA ILE C 35 15.98 -30.05 -20.59
C ILE C 35 16.51 -31.44 -20.22
N HIS C 36 16.44 -31.79 -18.93
CA HIS C 36 16.96 -33.07 -18.45
C HIS C 36 15.91 -34.11 -18.12
N GLY C 37 14.86 -33.72 -17.41
CA GLY C 37 13.81 -34.65 -17.03
C GLY C 37 13.08 -35.28 -18.20
N GLN C 38 12.00 -36.00 -17.89
CA GLN C 38 11.21 -36.67 -18.91
C GLN C 38 10.37 -35.70 -19.71
N ASP C 39 10.56 -34.41 -19.43
CA ASP C 39 9.83 -33.36 -20.13
C ASP C 39 8.32 -33.44 -19.91
N PHE C 40 7.58 -32.74 -20.75
CA PHE C 40 6.13 -32.69 -20.68
C PHE C 40 5.52 -33.30 -21.93
N ASP C 41 4.75 -34.39 -21.78
CA ASP C 41 4.10 -35.02 -22.92
C ASP C 41 2.78 -34.30 -23.24
N GLN C 42 2.17 -34.61 -24.38
CA GLN C 42 0.92 -33.95 -24.74
C GLN C 42 -0.18 -34.13 -23.68
N ARG C 43 -0.34 -35.35 -23.18
CA ARG C 43 -1.37 -35.60 -22.18
C ARG C 43 -1.13 -34.67 -21.02
N ALA C 44 0.11 -34.64 -20.57
CA ALA C 44 0.52 -33.81 -19.45
C ALA C 44 0.26 -32.34 -19.71
N ARG C 45 0.61 -31.88 -20.91
CA ARG C 45 0.40 -30.48 -21.28
C ARG C 45 -1.06 -30.04 -21.21
N GLU C 46 -1.99 -30.97 -21.35
CA GLU C 46 -3.41 -30.66 -21.27
C GLU C 46 -3.75 -30.16 -19.86
N GLU C 47 -2.99 -30.63 -18.89
CA GLU C 47 -3.20 -30.27 -17.50
C GLU C 47 -3.01 -28.77 -17.23
N PHE C 48 -2.40 -28.06 -18.17
CA PHE C 48 -2.18 -26.63 -17.99
C PHE C 48 -3.25 -25.77 -18.64
N ARG C 49 -4.00 -26.37 -19.55
CA ARG C 49 -5.04 -25.65 -20.24
C ARG C 49 -5.92 -24.89 -19.27
N PRO C 50 -6.43 -25.58 -18.25
CA PRO C 50 -7.30 -24.90 -17.29
C PRO C 50 -6.66 -23.78 -16.49
N THR C 51 -5.35 -23.86 -16.28
CA THR C 51 -4.71 -22.82 -15.51
C THR C 51 -4.31 -21.65 -16.38
N ILE C 52 -4.03 -21.91 -17.65
CA ILE C 52 -3.67 -20.83 -18.57
C ILE C 52 -4.92 -19.96 -18.74
N TYR C 53 -6.07 -20.63 -18.87
CA TYR C 53 -7.33 -19.94 -19.02
C TYR C 53 -7.55 -19.08 -17.77
N SER C 54 -7.44 -19.70 -16.60
CA SER C 54 -7.60 -18.97 -15.35
C SER C 54 -6.66 -17.76 -15.31
N ASN C 55 -5.46 -17.95 -15.84
CA ASN C 55 -4.46 -16.90 -15.87
C ASN C 55 -4.95 -15.68 -16.60
N VAL C 56 -5.54 -15.93 -17.77
CA VAL C 56 -6.06 -14.86 -18.61
C VAL C 56 -7.27 -14.15 -18.00
N ILE C 57 -8.28 -14.92 -17.64
CA ILE C 57 -9.48 -14.35 -17.06
C ILE C 57 -9.26 -13.52 -15.79
N LYS C 58 -8.58 -14.10 -14.80
CA LYS C 58 -8.33 -13.37 -13.58
C LYS C 58 -7.48 -12.16 -13.92
N GLY C 59 -6.72 -12.29 -15.01
CA GLY C 59 -5.85 -11.22 -15.44
C GLY C 59 -6.65 -10.05 -15.96
N MET C 60 -7.53 -10.36 -16.90
CA MET C 60 -8.38 -9.33 -17.47
C MET C 60 -9.21 -8.65 -16.38
N ARG C 61 -9.70 -9.44 -15.43
CA ARG C 61 -10.49 -8.92 -14.31
C ARG C 61 -9.71 -7.90 -13.50
N VAL C 62 -8.45 -8.19 -13.21
CA VAL C 62 -7.62 -7.25 -12.47
C VAL C 62 -7.46 -5.99 -13.32
N LEU C 63 -7.41 -6.21 -14.63
CA LEU C 63 -7.27 -5.13 -15.60
C LEU C 63 -8.49 -4.21 -15.69
N VAL C 64 -9.69 -4.77 -15.73
CA VAL C 64 -10.87 -3.92 -15.83
C VAL C 64 -11.05 -3.18 -14.53
N ASP C 65 -10.76 -3.84 -13.41
CA ASP C 65 -10.90 -3.17 -12.13
C ASP C 65 -9.89 -2.04 -11.97
N ALA C 66 -8.70 -2.23 -12.50
CA ALA C 66 -7.69 -1.19 -12.42
C ALA C 66 -8.13 -0.01 -13.28
N ARG C 67 -8.85 -0.29 -14.37
CA ARG C 67 -9.31 0.74 -15.28
C ARG C 67 -10.30 1.61 -14.55
N GLU C 68 -11.28 0.99 -13.92
CA GLU C 68 -12.29 1.73 -13.19
C GLU C 68 -11.67 2.52 -12.06
N LYS C 69 -11.00 1.79 -11.18
CA LYS C 69 -10.35 2.35 -10.00
C LYS C 69 -9.39 3.49 -10.29
N LEU C 70 -8.59 3.39 -11.35
CA LEU C 70 -7.63 4.44 -11.69
C LEU C 70 -8.27 5.63 -12.40
N HIS C 71 -9.55 5.52 -12.72
CA HIS C 71 -10.25 6.60 -13.39
C HIS C 71 -9.74 6.82 -14.81
N ILE C 72 -9.39 5.73 -15.49
CA ILE C 72 -8.91 5.76 -16.86
C ILE C 72 -10.09 5.73 -17.82
N PRO C 73 -10.22 6.74 -18.69
CA PRO C 73 -11.32 6.79 -19.65
C PRO C 73 -11.38 5.54 -20.51
N TRP C 74 -12.59 5.17 -20.91
CA TRP C 74 -12.78 3.99 -21.72
C TRP C 74 -12.53 4.37 -23.16
N GLY C 75 -11.83 3.51 -23.89
CA GLY C 75 -11.56 3.79 -25.28
C GLY C 75 -12.87 3.73 -26.05
N ASP C 76 -13.82 2.94 -25.53
CA ASP C 76 -15.15 2.77 -26.14
C ASP C 76 -16.21 2.45 -25.06
N ASN C 77 -17.01 3.46 -24.71
CA ASN C 77 -18.04 3.32 -23.69
C ASN C 77 -18.86 2.07 -23.91
N LYS C 78 -18.85 1.58 -25.14
CA LYS C 78 -19.59 0.38 -25.49
C LYS C 78 -19.12 -0.81 -24.66
N ASN C 79 -17.80 -0.94 -24.54
CA ASN C 79 -17.19 -2.04 -23.81
C ASN C 79 -17.58 -2.23 -22.35
N GLN C 80 -18.28 -1.26 -21.78
CA GLN C 80 -18.71 -1.34 -20.39
C GLN C 80 -19.46 -2.64 -20.12
N LEU C 81 -20.23 -3.10 -21.09
CA LEU C 81 -20.95 -4.35 -20.90
C LEU C 81 -19.99 -5.52 -20.80
N HIS C 82 -18.83 -5.40 -21.44
CA HIS C 82 -17.83 -6.46 -21.40
C HIS C 82 -17.17 -6.48 -20.04
N GLY C 83 -16.54 -5.37 -19.67
CA GLY C 83 -15.88 -5.30 -18.39
C GLY C 83 -16.81 -5.70 -17.26
N ASP C 84 -18.10 -5.46 -17.46
CA ASP C 84 -19.08 -5.80 -16.44
C ASP C 84 -19.50 -7.25 -16.53
N LYS C 85 -19.31 -7.87 -17.69
CA LYS C 85 -19.66 -9.28 -17.81
C LYS C 85 -18.56 -10.10 -17.16
N LEU C 86 -17.32 -9.69 -17.41
CA LEU C 86 -16.17 -10.36 -16.84
C LEU C 86 -16.15 -10.20 -15.32
N MET C 87 -16.54 -9.03 -14.83
CA MET C 87 -16.56 -8.79 -13.38
C MET C 87 -17.61 -9.64 -12.67
N ALA C 88 -18.60 -10.11 -13.43
CA ALA C 88 -19.66 -10.93 -12.88
C ALA C 88 -19.20 -12.38 -12.76
N PHE C 89 -17.93 -12.62 -13.10
CA PHE C 89 -17.36 -13.96 -13.03
C PHE C 89 -17.21 -14.43 -11.59
N ASP C 90 -17.93 -15.51 -11.26
CA ASP C 90 -17.88 -16.09 -9.92
C ASP C 90 -16.51 -16.70 -9.70
N THR C 91 -15.69 -15.98 -8.93
CA THR C 91 -14.33 -16.42 -8.68
C THR C 91 -14.21 -17.35 -7.49
N ARG C 92 -15.29 -17.48 -6.72
CA ARG C 92 -15.27 -18.35 -5.55
C ARG C 92 -15.71 -19.78 -5.81
N ALA C 93 -16.16 -20.07 -7.03
CA ALA C 93 -16.60 -21.42 -7.41
C ALA C 93 -15.46 -22.41 -7.22
N PRO C 94 -15.76 -23.64 -6.75
CA PRO C 94 -14.81 -24.73 -6.49
C PRO C 94 -13.70 -24.87 -7.52
N MET C 95 -14.07 -24.91 -8.79
CA MET C 95 -13.11 -25.07 -9.87
C MET C 95 -12.35 -23.79 -10.17
N ALA C 96 -13.02 -22.65 -10.05
CA ALA C 96 -12.39 -21.36 -10.34
C ALA C 96 -11.55 -20.87 -9.18
N ALA C 97 -11.79 -21.43 -8.00
CA ALA C 97 -11.06 -21.04 -6.80
C ALA C 97 -9.69 -21.73 -6.70
N GLN C 98 -9.58 -22.93 -7.24
CA GLN C 98 -8.30 -23.63 -7.20
C GLN C 98 -7.48 -23.21 -8.41
N GLY C 99 -7.96 -22.22 -9.16
CA GLY C 99 -7.23 -21.73 -10.32
C GLY C 99 -7.41 -22.56 -11.59
N MET C 100 -8.65 -22.90 -11.89
CA MET C 100 -8.94 -23.68 -13.06
C MET C 100 -10.21 -23.17 -13.75
N VAL C 101 -10.23 -23.26 -15.07
CA VAL C 101 -11.35 -22.82 -15.86
C VAL C 101 -11.50 -23.74 -17.07
N GLU C 102 -12.65 -24.41 -17.17
CA GLU C 102 -12.91 -25.31 -18.28
C GLU C 102 -13.07 -24.53 -19.58
N THR C 103 -12.76 -25.19 -20.70
CA THR C 103 -12.85 -24.60 -22.03
C THR C 103 -14.21 -23.98 -22.31
N ARG C 104 -15.24 -24.68 -21.86
CA ARG C 104 -16.60 -24.23 -22.07
C ARG C 104 -16.78 -22.84 -21.46
N VAL C 105 -16.53 -22.71 -20.16
CA VAL C 105 -16.71 -21.41 -19.56
C VAL C 105 -15.73 -20.40 -20.13
N PHE C 106 -14.61 -20.88 -20.63
CA PHE C 106 -13.61 -19.97 -21.19
C PHE C 106 -14.07 -19.33 -22.48
N LEU C 107 -14.81 -20.09 -23.28
CA LEU C 107 -15.29 -19.57 -24.53
C LEU C 107 -16.44 -18.59 -24.35
N GLN C 108 -17.21 -18.75 -23.28
CA GLN C 108 -18.33 -17.86 -23.04
C GLN C 108 -17.83 -16.46 -22.70
N TYR C 109 -16.53 -16.35 -22.46
CA TYR C 109 -15.94 -15.06 -22.11
C TYR C 109 -14.90 -14.62 -23.11
N LEU C 110 -14.54 -15.51 -24.03
CA LEU C 110 -13.53 -15.18 -25.02
C LEU C 110 -13.78 -13.86 -25.78
N PRO C 111 -15.03 -13.60 -26.21
CA PRO C 111 -15.39 -12.38 -26.95
C PRO C 111 -15.18 -11.07 -26.15
N ALA C 112 -15.56 -11.12 -24.87
CA ALA C 112 -15.42 -9.95 -24.01
C ALA C 112 -13.95 -9.60 -23.82
N ILE C 113 -13.12 -10.63 -23.64
CA ILE C 113 -11.69 -10.44 -23.46
C ILE C 113 -11.03 -9.95 -24.74
N ARG C 114 -11.43 -10.52 -25.86
CA ARG C 114 -10.87 -10.13 -27.14
C ARG C 114 -11.15 -8.65 -27.45
N ALA C 115 -12.35 -8.19 -27.11
CA ALA C 115 -12.75 -6.79 -27.32
C ALA C 115 -12.06 -5.84 -26.33
N LEU C 116 -12.03 -6.24 -25.06
CA LEU C 116 -11.39 -5.44 -24.02
C LEU C 116 -9.90 -5.26 -24.29
N TRP C 117 -9.25 -6.29 -24.81
CA TRP C 117 -7.82 -6.22 -25.09
C TRP C 117 -7.59 -5.18 -26.18
N GLU C 118 -8.62 -4.99 -27.00
CA GLU C 118 -8.55 -4.04 -28.08
C GLU C 118 -8.58 -2.66 -27.49
N ASP C 119 -9.66 -2.38 -26.78
CA ASP C 119 -9.90 -1.10 -26.13
C ASP C 119 -8.62 -0.44 -25.60
N SER C 120 -8.33 0.78 -26.05
CA SER C 120 -7.13 1.47 -25.62
C SER C 120 -7.16 1.78 -24.14
N GLY C 121 -8.36 1.68 -23.56
CA GLY C 121 -8.55 1.95 -22.15
C GLY C 121 -7.86 0.92 -21.26
N ILE C 122 -8.14 -0.35 -21.51
CA ILE C 122 -7.51 -1.43 -20.77
C ILE C 122 -6.02 -1.40 -21.08
N GLN C 123 -5.67 -1.04 -22.32
CA GLN C 123 -4.27 -0.94 -22.72
C GLN C 123 -3.47 0.05 -21.84
N ASN C 124 -4.05 1.23 -21.56
CA ASN C 124 -3.36 2.21 -20.73
C ASN C 124 -3.23 1.63 -19.33
N ALA C 125 -4.21 0.83 -18.92
CA ALA C 125 -4.20 0.21 -17.61
C ALA C 125 -3.01 -0.75 -17.49
N TYR C 126 -2.81 -1.57 -18.50
CA TYR C 126 -1.68 -2.50 -18.49
C TYR C 126 -0.36 -1.76 -18.45
N ASP C 127 -0.31 -0.54 -18.97
CA ASP C 127 0.93 0.23 -18.96
C ASP C 127 1.30 0.82 -17.60
N ARG C 128 0.34 0.90 -16.69
CA ARG C 128 0.58 1.45 -15.35
C ARG C 128 0.46 0.36 -14.28
N ARG C 129 0.84 -0.85 -14.66
CA ARG C 129 0.76 -2.01 -13.78
C ARG C 129 1.67 -1.92 -12.58
N ARG C 130 2.52 -0.90 -12.55
CA ARG C 130 3.43 -0.74 -11.43
C ARG C 130 2.66 -0.19 -10.24
N GLU C 131 1.35 0.02 -10.44
CA GLU C 131 0.47 0.56 -9.41
C GLU C 131 -0.53 -0.46 -8.89
N PHE C 132 -0.36 -1.71 -9.33
CA PHE C 132 -1.23 -2.80 -8.89
C PHE C 132 -0.65 -4.18 -9.25
N GLN C 133 -1.01 -5.20 -8.49
CA GLN C 133 -0.50 -6.55 -8.72
C GLN C 133 -1.06 -7.27 -9.96
N LEU C 134 -0.28 -7.35 -11.03
CA LEU C 134 -0.73 -8.04 -12.25
C LEU C 134 0.37 -8.86 -12.89
N GLY C 135 0.07 -10.15 -13.11
CA GLY C 135 1.04 -11.05 -13.73
C GLY C 135 1.30 -10.69 -15.18
N GLU C 136 2.30 -9.84 -15.44
CA GLU C 136 2.63 -9.40 -16.81
C GLU C 136 2.63 -10.55 -17.84
N SER C 137 2.75 -11.79 -17.36
CA SER C 137 2.73 -12.97 -18.22
C SER C 137 1.35 -13.16 -18.85
N VAL C 138 0.40 -12.36 -18.40
CA VAL C 138 -0.96 -12.43 -18.93
C VAL C 138 -1.00 -11.87 -20.33
N LYS C 139 -0.20 -10.82 -20.58
CA LYS C 139 -0.13 -10.20 -21.89
C LYS C 139 0.21 -11.25 -22.95
N TYR C 140 1.23 -12.06 -22.66
CA TYR C 140 1.67 -13.11 -23.57
C TYR C 140 0.52 -13.97 -24.08
N PHE C 141 -0.45 -14.25 -23.22
CA PHE C 141 -1.58 -15.05 -23.62
C PHE C 141 -2.67 -14.23 -24.31
N LEU C 142 -2.82 -12.99 -23.88
CA LEU C 142 -3.81 -12.09 -24.45
C LEU C 142 -3.50 -11.77 -25.92
N ASP C 143 -2.24 -11.94 -26.30
CA ASP C 143 -1.80 -11.70 -27.67
C ASP C 143 -2.08 -12.94 -28.50
N ASN C 144 -1.65 -14.09 -27.98
CA ASN C 144 -1.87 -15.36 -28.66
C ASN C 144 -3.26 -15.85 -28.28
N LEU C 145 -4.21 -14.92 -28.26
CA LEU C 145 -5.57 -15.24 -27.89
C LEU C 145 -6.29 -16.04 -28.97
N ASP C 146 -5.80 -15.96 -30.20
CA ASP C 146 -6.44 -16.70 -31.28
C ASP C 146 -6.18 -18.20 -31.19
N LYS C 147 -4.97 -18.56 -30.80
CA LYS C 147 -4.60 -19.97 -30.70
C LYS C 147 -5.24 -20.66 -29.49
N LEU C 148 -5.73 -19.89 -28.54
CA LEU C 148 -6.41 -20.44 -27.36
C LEU C 148 -7.90 -20.64 -27.60
N GLY C 149 -8.43 -19.96 -28.61
CA GLY C 149 -9.85 -20.04 -28.93
C GLY C 149 -10.26 -21.35 -29.55
N VAL C 150 -9.29 -22.06 -30.11
CA VAL C 150 -9.55 -23.36 -30.75
C VAL C 150 -10.20 -24.34 -29.77
N PRO C 151 -11.13 -25.16 -30.26
CA PRO C 151 -11.85 -26.15 -29.45
C PRO C 151 -10.95 -27.03 -28.58
N ASP C 152 -9.99 -27.69 -29.21
CA ASP C 152 -9.07 -28.57 -28.51
C ASP C 152 -7.69 -27.95 -28.47
N TYR C 153 -7.48 -27.03 -27.55
CA TYR C 153 -6.19 -26.35 -27.42
C TYR C 153 -5.23 -27.12 -26.55
N ILE C 154 -4.05 -27.42 -27.08
CA ILE C 154 -3.04 -28.14 -26.34
C ILE C 154 -1.88 -27.18 -26.11
N PRO C 155 -1.66 -26.78 -24.85
CA PRO C 155 -0.58 -25.85 -24.53
C PRO C 155 0.77 -26.28 -25.07
N SER C 156 1.56 -25.32 -25.56
CA SER C 156 2.89 -25.62 -26.07
C SER C 156 3.90 -25.68 -24.94
N GLN C 157 5.11 -26.11 -25.25
CA GLN C 157 6.18 -26.19 -24.25
C GLN C 157 6.40 -24.78 -23.74
N GLN C 158 6.33 -23.82 -24.66
CA GLN C 158 6.55 -22.42 -24.34
C GLN C 158 5.49 -21.80 -23.43
N ASP C 159 4.25 -22.23 -23.62
CA ASP C 159 3.15 -21.71 -22.82
C ASP C 159 3.24 -22.21 -21.37
N ILE C 160 3.69 -23.45 -21.20
CA ILE C 160 3.84 -24.04 -19.89
C ILE C 160 4.90 -23.30 -19.09
N LEU C 161 5.87 -22.71 -19.78
CA LEU C 161 6.92 -21.96 -19.11
C LEU C 161 6.41 -20.65 -18.56
N LEU C 162 5.44 -20.06 -19.26
CA LEU C 162 4.85 -18.78 -18.84
C LEU C 162 3.66 -18.91 -17.91
N ALA C 163 3.03 -20.08 -17.88
CA ALA C 163 1.88 -20.31 -17.00
C ALA C 163 2.22 -20.09 -15.52
N ARG C 164 1.61 -19.08 -14.92
CA ARG C 164 1.85 -18.78 -13.51
C ARG C 164 1.02 -19.68 -12.62
N ARG C 165 1.63 -20.19 -11.56
CA ARG C 165 0.94 -21.08 -10.65
C ARG C 165 1.57 -20.88 -9.26
N PRO C 166 0.87 -20.17 -8.35
CA PRO C 166 1.36 -19.90 -6.99
C PRO C 166 1.77 -21.17 -6.24
N THR C 167 3.04 -21.18 -5.85
CA THR C 167 3.65 -22.30 -5.15
C THR C 167 3.61 -22.20 -3.63
N LYS C 168 3.10 -23.26 -3.02
CA LYS C 168 3.00 -23.38 -1.58
C LYS C 168 3.71 -24.67 -1.19
N GLY C 169 4.52 -24.62 -0.14
CA GLY C 169 5.21 -25.81 0.28
C GLY C 169 6.48 -26.08 -0.49
N ILE C 170 7.03 -27.28 -0.30
CA ILE C 170 8.26 -27.67 -0.99
C ILE C 170 7.97 -28.79 -1.99
N HIS C 171 8.66 -28.76 -3.11
CA HIS C 171 8.47 -29.76 -4.15
C HIS C 171 9.84 -30.31 -4.47
N GLU C 172 10.02 -31.61 -4.29
CA GLU C 172 11.30 -32.24 -4.54
C GLU C 172 11.31 -32.78 -5.95
N THR C 173 12.42 -32.56 -6.66
CA THR C 173 12.58 -33.04 -8.02
C THR C 173 13.91 -33.83 -8.16
N HIS C 174 13.87 -34.92 -8.91
CA HIS C 174 15.06 -35.76 -9.08
C HIS C 174 15.42 -35.96 -10.53
N PHE C 175 16.49 -35.30 -10.97
CA PHE C 175 16.95 -35.46 -12.35
C PHE C 175 18.46 -35.74 -12.35
N THR C 176 18.92 -36.52 -13.32
CA THR C 176 20.33 -36.85 -13.43
C THR C 176 21.00 -36.00 -14.52
N PHE C 177 22.25 -35.62 -14.29
CA PHE C 177 22.98 -34.79 -15.23
C PHE C 177 24.46 -34.83 -14.90
N LYS C 178 25.29 -35.18 -15.89
CA LYS C 178 26.73 -35.29 -15.73
C LYS C 178 27.14 -36.29 -14.64
N ASP C 179 26.48 -37.45 -14.63
CA ASP C 179 26.77 -38.50 -13.66
C ASP C 179 26.47 -38.09 -12.21
N LEU C 180 25.67 -37.04 -12.03
CA LEU C 180 25.29 -36.55 -10.70
C LEU C 180 23.80 -36.72 -10.47
N HIS C 181 23.43 -37.10 -9.25
CA HIS C 181 22.03 -37.28 -8.91
C HIS C 181 21.54 -36.03 -8.21
N PHE C 182 20.86 -35.17 -8.96
CA PHE C 182 20.35 -33.93 -8.41
C PHE C 182 19.07 -34.06 -7.59
N LYS C 183 19.12 -33.52 -6.38
CA LYS C 183 17.97 -33.51 -5.47
C LYS C 183 17.63 -32.03 -5.36
N MET C 184 16.74 -31.58 -6.24
CA MET C 184 16.37 -30.18 -6.28
C MET C 184 15.09 -29.85 -5.50
N PHE C 185 15.11 -28.75 -4.76
CA PHE C 185 13.96 -28.31 -3.97
C PHE C 185 13.49 -26.90 -4.33
N ASP C 186 12.20 -26.80 -4.70
CA ASP C 186 11.57 -25.54 -5.07
C ASP C 186 10.64 -25.12 -3.90
N VAL C 187 10.82 -23.90 -3.41
CA VAL C 187 10.02 -23.45 -2.30
C VAL C 187 9.18 -22.23 -2.62
N GLY C 188 8.21 -21.93 -1.75
CA GLY C 188 7.38 -20.76 -1.95
C GLY C 188 8.18 -19.49 -1.64
N GLY C 189 7.82 -18.38 -2.28
CA GLY C 189 8.53 -17.15 -2.04
C GLY C 189 7.93 -16.16 -1.05
N GLN C 190 6.60 -16.16 -0.89
CA GLN C 190 5.96 -15.21 0.02
C GLN C 190 6.40 -15.36 1.47
N ARG C 191 6.27 -14.28 2.25
CA ARG C 191 6.64 -14.27 3.66
C ARG C 191 6.02 -15.41 4.47
N SER C 192 4.74 -15.65 4.31
CA SER C 192 4.12 -16.72 5.08
C SER C 192 4.60 -18.11 4.66
N GLU C 193 5.42 -18.15 3.62
CA GLU C 193 5.94 -19.40 3.08
C GLU C 193 7.38 -19.65 3.50
N ARG C 194 8.11 -18.58 3.81
CA ARG C 194 9.50 -18.67 4.21
C ARG C 194 9.77 -19.49 5.48
N LYS C 195 8.77 -19.60 6.34
CA LYS C 195 8.92 -20.36 7.58
C LYS C 195 9.28 -21.83 7.32
N LYS C 196 8.85 -22.34 6.17
CA LYS C 196 9.08 -23.73 5.80
C LYS C 196 10.43 -23.95 5.11
N TRP C 197 11.29 -22.94 5.16
CA TRP C 197 12.58 -23.05 4.51
C TRP C 197 13.61 -23.79 5.34
N PHE C 198 13.76 -23.36 6.60
CA PHE C 198 14.73 -23.93 7.51
C PHE C 198 14.69 -25.45 7.53
N GLU C 199 13.50 -26.02 7.35
CA GLU C 199 13.31 -27.47 7.35
C GLU C 199 14.25 -28.23 6.42
N CYS C 200 14.84 -27.51 5.47
CA CYS C 200 15.74 -28.14 4.51
C CYS C 200 17.05 -27.44 4.25
N PHE C 201 17.60 -26.75 5.25
CA PHE C 201 18.87 -26.07 5.12
C PHE C 201 20.05 -27.00 5.39
N GLU C 202 19.78 -28.27 5.64
CA GLU C 202 20.82 -29.22 5.94
C GLU C 202 21.23 -30.10 4.75
N GLY C 203 22.54 -30.16 4.53
CA GLY C 203 23.09 -30.99 3.46
C GLY C 203 22.92 -30.34 2.12
N VAL C 204 23.11 -29.02 2.10
CA VAL C 204 22.95 -28.24 0.90
C VAL C 204 24.22 -28.02 0.11
N THR C 205 24.34 -28.72 -1.02
CA THR C 205 25.51 -28.60 -1.88
C THR C 205 25.65 -27.18 -2.41
N ALA C 206 24.55 -26.65 -2.93
CA ALA C 206 24.55 -25.32 -3.48
C ALA C 206 23.17 -24.69 -3.33
N ILE C 207 23.13 -23.37 -3.51
CA ILE C 207 21.90 -22.63 -3.43
C ILE C 207 21.78 -21.64 -4.58
N ILE C 208 20.71 -21.78 -5.35
CA ILE C 208 20.46 -20.86 -6.42
C ILE C 208 19.44 -19.84 -5.90
N PHE C 209 19.89 -18.62 -5.62
CA PHE C 209 18.98 -17.61 -5.14
C PHE C 209 18.50 -16.77 -6.33
N CYS C 210 17.21 -16.88 -6.67
CA CYS C 210 16.62 -16.09 -7.78
C CYS C 210 16.18 -14.70 -7.35
N VAL C 211 16.19 -13.79 -8.30
CA VAL C 211 15.77 -12.42 -8.02
C VAL C 211 15.20 -11.93 -9.33
N ALA C 212 14.08 -11.21 -9.25
CA ALA C 212 13.46 -10.67 -10.44
C ALA C 212 14.00 -9.26 -10.62
N LEU C 213 14.82 -9.06 -11.65
CA LEU C 213 15.40 -7.76 -11.92
C LEU C 213 14.33 -6.69 -12.07
N SER C 214 13.46 -6.88 -13.05
CA SER C 214 12.36 -5.96 -13.31
C SER C 214 11.40 -6.09 -12.16
N ASP C 215 11.72 -5.46 -11.03
CA ASP C 215 10.90 -5.51 -9.83
C ASP C 215 11.26 -4.36 -8.92
N TYR C 216 12.11 -3.47 -9.43
CA TYR C 216 12.59 -2.34 -8.66
C TYR C 216 11.60 -1.20 -8.54
N ASP C 217 10.47 -1.31 -9.21
CA ASP C 217 9.46 -0.27 -9.14
C ASP C 217 8.14 -0.76 -8.59
N GLN C 218 7.98 -2.08 -8.50
CA GLN C 218 6.75 -2.69 -7.99
C GLN C 218 6.84 -2.87 -6.48
N VAL C 219 5.72 -3.27 -5.86
CA VAL C 219 5.67 -3.49 -4.42
C VAL C 219 5.27 -4.93 -4.12
N LEU C 220 5.36 -5.34 -2.84
CA LEU C 220 5.00 -6.69 -2.39
C LEU C 220 3.52 -7.02 -2.42
N MET C 221 3.23 -8.31 -2.53
CA MET C 221 1.87 -8.82 -2.56
C MET C 221 1.23 -8.60 -1.19
N GLU C 222 1.82 -9.23 -0.18
CA GLU C 222 1.31 -9.15 1.17
C GLU C 222 1.25 -7.74 1.76
N ASP C 223 2.38 -7.04 1.72
CA ASP C 223 2.48 -5.69 2.26
C ASP C 223 2.53 -4.67 1.11
N ARG C 224 1.35 -4.26 0.66
CA ARG C 224 1.23 -3.35 -0.48
C ARG C 224 2.02 -2.06 -0.43
N GLN C 225 3.17 -2.05 0.24
CA GLN C 225 3.95 -0.82 0.33
C GLN C 225 5.47 -0.96 0.27
N THR C 226 5.98 -2.14 0.60
CA THR C 226 7.42 -2.38 0.57
C THR C 226 7.86 -2.67 -0.85
N ASN C 227 9.04 -2.15 -1.21
CA ASN C 227 9.60 -2.34 -2.54
C ASN C 227 10.17 -3.74 -2.74
N ARG C 228 9.75 -4.38 -3.83
CA ARG C 228 10.17 -5.74 -4.13
C ARG C 228 11.65 -5.98 -4.21
N MET C 229 12.40 -4.99 -4.67
CA MET C 229 13.84 -5.15 -4.77
C MET C 229 14.42 -5.10 -3.37
N HIS C 230 13.87 -4.22 -2.54
CA HIS C 230 14.33 -4.10 -1.17
C HIS C 230 14.19 -5.43 -0.45
N GLU C 231 13.08 -6.14 -0.64
CA GLU C 231 12.92 -7.44 0.02
C GLU C 231 14.08 -8.34 -0.36
N SER C 232 14.20 -8.60 -1.66
CA SER C 232 15.24 -9.43 -2.24
C SER C 232 16.60 -9.22 -1.57
N MET C 233 16.97 -7.95 -1.36
CA MET C 233 18.25 -7.66 -0.73
C MET C 233 18.33 -8.19 0.69
N LYS C 234 17.48 -7.68 1.57
CA LYS C 234 17.41 -8.12 2.94
C LYS C 234 17.21 -9.64 2.98
N LEU C 235 16.47 -10.17 2.04
CA LEU C 235 16.26 -11.62 1.98
C LEU C 235 17.56 -12.36 1.64
N PHE C 236 18.25 -11.85 0.63
CA PHE C 236 19.51 -12.44 0.17
C PHE C 236 20.54 -12.31 1.26
N ASP C 237 20.58 -11.15 1.90
CA ASP C 237 21.51 -10.90 2.97
C ASP C 237 21.43 -12.00 4.02
N SER C 238 20.25 -12.21 4.58
CA SER C 238 20.09 -13.21 5.61
C SER C 238 20.62 -14.59 5.23
N ILE C 239 20.17 -15.11 4.09
CA ILE C 239 20.59 -16.42 3.62
C ILE C 239 22.09 -16.49 3.33
N CYS C 240 22.57 -15.54 2.53
CA CYS C 240 23.97 -15.46 2.16
C CYS C 240 24.94 -15.64 3.33
N ASN C 241 24.68 -14.95 4.44
CA ASN C 241 25.51 -14.99 5.64
C ASN C 241 25.09 -15.96 6.74
N ASN C 242 24.56 -17.11 6.33
CA ASN C 242 24.12 -18.12 7.28
C ASN C 242 25.21 -19.20 7.38
N LYS C 243 25.63 -19.47 8.62
CA LYS C 243 26.67 -20.46 8.85
C LYS C 243 26.31 -21.82 8.27
N TRP C 244 25.02 -22.09 8.09
CA TRP C 244 24.57 -23.36 7.53
C TRP C 244 25.13 -23.58 6.13
N PHE C 245 25.44 -22.49 5.44
CA PHE C 245 25.95 -22.57 4.06
C PHE C 245 27.39 -22.09 3.96
N THR C 246 28.14 -22.20 5.05
CA THR C 246 29.53 -21.78 5.05
C THR C 246 30.31 -22.52 3.97
N ASP C 247 29.97 -23.79 3.78
CA ASP C 247 30.64 -24.62 2.78
C ASP C 247 29.59 -25.08 1.78
N THR C 248 28.92 -24.10 1.18
CA THR C 248 27.88 -24.33 0.19
C THR C 248 28.05 -23.36 -0.97
N SER C 249 28.01 -23.87 -2.19
CA SER C 249 28.15 -23.01 -3.35
C SER C 249 26.89 -22.14 -3.44
N ILE C 250 27.08 -20.82 -3.35
CA ILE C 250 25.98 -19.86 -3.42
C ILE C 250 25.93 -19.15 -4.75
N ILE C 251 24.90 -19.44 -5.53
CA ILE C 251 24.77 -18.83 -6.84
C ILE C 251 23.57 -17.91 -6.84
N LEU C 252 23.77 -16.70 -7.34
CA LEU C 252 22.71 -15.71 -7.43
C LEU C 252 22.25 -15.47 -8.86
N PHE C 253 20.97 -15.70 -9.14
CA PHE C 253 20.42 -15.48 -10.48
C PHE C 253 19.66 -14.16 -10.55
N LEU C 254 20.00 -13.34 -11.54
CA LEU C 254 19.29 -12.09 -11.73
C LEU C 254 18.35 -12.33 -12.89
N ASN C 255 17.20 -12.91 -12.56
CA ASN C 255 16.17 -13.26 -13.52
C ASN C 255 15.45 -12.08 -14.14
N LYS C 256 14.66 -12.36 -15.16
CA LYS C 256 13.93 -11.32 -15.87
C LYS C 256 14.85 -10.23 -16.44
N LYS C 257 15.89 -10.64 -17.18
CA LYS C 257 16.79 -9.66 -17.76
C LYS C 257 16.09 -9.00 -18.92
N ASP C 258 15.39 -9.79 -19.71
CA ASP C 258 14.66 -9.28 -20.86
C ASP C 258 13.65 -8.21 -20.46
N LEU C 259 12.85 -8.51 -19.43
CA LEU C 259 11.85 -7.57 -18.98
C LEU C 259 12.57 -6.34 -18.46
N PHE C 260 13.60 -6.57 -17.66
CA PHE C 260 14.37 -5.46 -17.12
C PHE C 260 14.91 -4.55 -18.21
N GLU C 261 15.40 -5.15 -19.30
CA GLU C 261 15.98 -4.43 -20.44
C GLU C 261 15.02 -3.40 -20.99
N GLU C 262 13.77 -3.79 -21.20
CA GLU C 262 12.75 -2.87 -21.71
C GLU C 262 12.18 -1.99 -20.61
N LYS C 263 12.42 -2.39 -19.37
CA LYS C 263 11.89 -1.66 -18.22
C LYS C 263 12.68 -0.37 -17.97
N ILE C 264 14.01 -0.46 -17.94
CA ILE C 264 14.82 0.72 -17.69
C ILE C 264 14.47 1.85 -18.65
N LYS C 265 13.86 1.50 -19.77
CA LYS C 265 13.47 2.48 -20.75
C LYS C 265 12.63 3.60 -20.13
N LYS C 266 11.43 3.26 -19.65
CA LYS C 266 10.56 4.26 -19.05
C LYS C 266 10.82 4.51 -17.57
N SER C 267 10.46 3.55 -16.72
CA SER C 267 10.64 3.70 -15.28
C SER C 267 12.12 3.65 -14.89
N PRO C 268 12.67 4.77 -14.39
CA PRO C 268 14.08 4.85 -13.97
C PRO C 268 14.43 4.11 -12.68
N LEU C 269 15.69 3.68 -12.60
CA LEU C 269 16.23 2.94 -11.46
C LEU C 269 16.32 3.73 -10.14
N THR C 270 15.95 5.00 -10.18
CA THR C 270 16.01 5.82 -8.97
C THR C 270 14.79 5.59 -8.10
N ILE C 271 13.78 4.96 -8.67
CA ILE C 271 12.55 4.62 -7.95
C ILE C 271 12.88 3.65 -6.80
N CYS C 272 14.01 2.97 -6.93
CA CYS C 272 14.46 1.99 -5.95
C CYS C 272 15.59 2.55 -5.09
N TYR C 273 16.72 2.86 -5.73
CA TYR C 273 17.88 3.41 -5.02
C TYR C 273 18.02 4.88 -5.40
N PRO C 274 17.50 5.80 -4.57
CA PRO C 274 17.58 7.24 -4.86
C PRO C 274 18.99 7.81 -5.01
N GLU C 275 19.97 7.17 -4.37
CA GLU C 275 21.36 7.62 -4.45
C GLU C 275 22.12 7.18 -5.72
N TYR C 276 21.43 6.51 -6.64
CA TYR C 276 22.05 6.05 -7.88
C TYR C 276 22.11 7.20 -8.88
N ALA C 277 23.32 7.65 -9.18
CA ALA C 277 23.51 8.75 -10.11
C ALA C 277 23.97 8.29 -11.50
N GLY C 278 24.01 6.98 -11.71
CA GLY C 278 24.43 6.46 -13.00
C GLY C 278 23.38 6.69 -14.07
N SER C 279 23.60 6.13 -15.24
CA SER C 279 22.66 6.26 -16.35
C SER C 279 21.60 5.14 -16.36
N ASN C 280 20.48 5.40 -17.03
CA ASN C 280 19.42 4.41 -17.09
C ASN C 280 19.55 3.53 -18.32
N THR C 281 20.60 2.72 -18.35
CA THR C 281 20.86 1.81 -19.48
C THR C 281 21.11 0.39 -18.96
N TYR C 282 20.71 -0.61 -19.74
CA TYR C 282 20.90 -1.99 -19.32
C TYR C 282 22.28 -2.25 -18.71
N GLU C 283 23.33 -2.00 -19.49
CA GLU C 283 24.68 -2.24 -18.97
C GLU C 283 24.89 -1.64 -17.57
N GLU C 284 24.95 -0.33 -17.50
CA GLU C 284 25.17 0.38 -16.24
C GLU C 284 24.32 -0.14 -15.08
N ALA C 285 23.02 0.13 -15.13
CA ALA C 285 22.10 -0.27 -14.08
C ALA C 285 22.29 -1.70 -13.59
N ALA C 286 22.14 -2.69 -14.48
CA ALA C 286 22.30 -4.11 -14.12
C ALA C 286 23.61 -4.38 -13.36
N ALA C 287 24.65 -3.64 -13.69
CA ALA C 287 25.92 -3.79 -13.03
C ALA C 287 25.78 -3.31 -11.60
N TYR C 288 24.97 -2.26 -11.42
CA TYR C 288 24.76 -1.63 -10.13
C TYR C 288 23.99 -2.51 -9.19
N ILE C 289 22.95 -3.13 -9.71
CA ILE C 289 22.12 -4.02 -8.91
C ILE C 289 22.93 -5.26 -8.48
N GLN C 290 23.81 -5.71 -9.37
CA GLN C 290 24.65 -6.85 -9.12
C GLN C 290 25.65 -6.47 -8.02
N CYS C 291 26.12 -5.24 -8.08
CA CYS C 291 27.07 -4.72 -7.10
C CYS C 291 26.45 -4.62 -5.71
N GLN C 292 25.21 -4.14 -5.65
CA GLN C 292 24.48 -3.97 -4.41
C GLN C 292 24.17 -5.27 -3.70
N PHE C 293 24.14 -6.36 -4.44
CA PHE C 293 23.86 -7.67 -3.87
C PHE C 293 25.11 -8.40 -3.39
N GLU C 294 26.21 -8.28 -4.14
CA GLU C 294 27.43 -8.95 -3.74
C GLU C 294 28.05 -8.26 -2.54
N ASP C 295 27.66 -7.01 -2.31
CA ASP C 295 28.18 -6.27 -1.18
C ASP C 295 27.63 -6.81 0.15
N LEU C 296 26.43 -7.37 0.10
CA LEU C 296 25.81 -7.91 1.30
C LEU C 296 26.49 -9.18 1.79
N ASN C 297 27.77 -9.34 1.46
CA ASN C 297 28.49 -10.52 1.88
C ASN C 297 29.51 -10.16 2.96
N LYS C 298 29.27 -10.61 4.19
CA LYS C 298 30.18 -10.32 5.30
C LYS C 298 31.52 -11.02 5.11
N ARG C 299 31.46 -12.28 4.68
CA ARG C 299 32.67 -13.06 4.44
C ARG C 299 33.11 -12.91 2.98
N LYS C 300 33.46 -11.69 2.58
CA LYS C 300 33.90 -11.44 1.21
C LYS C 300 35.23 -12.13 0.92
N ASP C 301 35.96 -12.46 1.98
CA ASP C 301 37.25 -13.12 1.83
C ASP C 301 37.18 -14.55 2.33
N THR C 302 36.01 -15.14 2.23
CA THR C 302 35.78 -16.52 2.68
C THR C 302 34.76 -17.22 1.78
N LYS C 303 33.83 -16.44 1.23
CA LYS C 303 32.80 -16.99 0.37
C LYS C 303 32.70 -16.25 -0.95
N GLU C 304 32.57 -17.01 -2.04
CA GLU C 304 32.48 -16.43 -3.38
C GLU C 304 31.05 -16.50 -3.87
N ILE C 305 30.61 -15.46 -4.57
CA ILE C 305 29.26 -15.39 -5.11
C ILE C 305 29.26 -15.56 -6.64
N TYR C 306 28.66 -16.64 -7.10
CA TYR C 306 28.60 -16.93 -8.53
C TYR C 306 27.36 -16.27 -9.14
N THR C 307 27.52 -15.06 -9.67
CA THR C 307 26.41 -14.29 -10.28
C THR C 307 26.14 -14.60 -11.75
N HIS C 308 24.86 -14.64 -12.13
CA HIS C 308 24.46 -14.91 -13.50
C HIS C 308 23.19 -14.14 -13.88
N PHE C 309 23.18 -13.54 -15.07
CA PHE C 309 22.03 -12.80 -15.57
C PHE C 309 21.15 -13.76 -16.37
N THR C 310 20.16 -14.33 -15.72
CA THR C 310 19.31 -15.29 -16.39
C THR C 310 18.02 -14.74 -16.98
N CYS C 311 17.24 -15.65 -17.57
CA CYS C 311 15.97 -15.33 -18.20
C CYS C 311 15.22 -16.66 -18.30
N ALA C 312 14.80 -17.18 -17.14
CA ALA C 312 14.12 -18.47 -17.02
C ALA C 312 13.19 -18.94 -18.12
N THR C 313 12.54 -18.03 -18.83
CA THR C 313 11.64 -18.44 -19.89
C THR C 313 12.33 -18.83 -21.22
N ASP C 314 13.58 -18.39 -21.40
CA ASP C 314 14.33 -18.67 -22.63
C ASP C 314 15.14 -19.94 -22.41
N THR C 315 14.68 -21.04 -23.01
CA THR C 315 15.33 -22.33 -22.85
C THR C 315 16.84 -22.35 -23.14
N LYS C 316 17.26 -21.65 -24.19
CA LYS C 316 18.68 -21.64 -24.52
C LYS C 316 19.56 -21.05 -23.41
N ASN C 317 19.18 -19.91 -22.85
CA ASN C 317 19.98 -19.30 -21.77
C ASN C 317 20.11 -20.21 -20.53
N VAL C 318 18.99 -20.81 -20.11
CA VAL C 318 18.95 -21.67 -18.93
C VAL C 318 19.82 -22.91 -19.05
N GLN C 319 19.85 -23.49 -20.24
CA GLN C 319 20.66 -24.66 -20.51
C GLN C 319 22.14 -24.32 -20.32
N PHE C 320 22.52 -23.12 -20.75
CA PHE C 320 23.90 -22.64 -20.65
C PHE C 320 24.29 -22.37 -19.22
N VAL C 321 23.43 -21.60 -18.53
CA VAL C 321 23.66 -21.24 -17.15
C VAL C 321 23.59 -22.41 -16.19
N PHE C 322 22.71 -23.37 -16.44
CA PHE C 322 22.63 -24.52 -15.54
C PHE C 322 23.93 -25.30 -15.66
N ASP C 323 24.38 -25.50 -16.89
CA ASP C 323 25.64 -26.21 -17.15
C ASP C 323 26.81 -25.51 -16.46
N ALA C 324 26.80 -24.18 -16.46
CA ALA C 324 27.85 -23.39 -15.82
C ALA C 324 27.84 -23.54 -14.29
N VAL C 325 26.65 -23.52 -13.69
CA VAL C 325 26.54 -23.66 -12.26
C VAL C 325 26.94 -25.07 -11.85
N THR C 326 26.63 -26.06 -12.67
CA THR C 326 27.01 -27.44 -12.34
C THR C 326 28.52 -27.66 -12.38
N ASP C 327 29.22 -26.94 -13.24
CA ASP C 327 30.66 -27.11 -13.31
C ASP C 327 31.29 -26.50 -12.06
N VAL C 328 30.63 -25.50 -11.48
CA VAL C 328 31.10 -24.85 -10.25
C VAL C 328 30.95 -25.82 -9.06
N ILE C 329 29.87 -26.60 -9.09
CA ILE C 329 29.62 -27.58 -8.06
C ILE C 329 30.65 -28.70 -8.19
N ILE C 330 30.82 -29.21 -9.40
CA ILE C 330 31.79 -30.28 -9.64
C ILE C 330 33.19 -29.84 -9.24
N LYS C 331 33.41 -28.53 -9.10
CA LYS C 331 34.71 -28.03 -8.72
C LYS C 331 34.82 -27.74 -7.23
N ASN C 332 33.90 -26.96 -6.68
CA ASN C 332 33.92 -26.63 -5.26
C ASN C 332 33.57 -27.80 -4.33
N ASN C 333 33.14 -28.92 -4.90
CA ASN C 333 32.80 -30.11 -4.11
C ASN C 333 34.10 -30.72 -3.62
N LEU C 334 35.15 -30.60 -4.45
CA LEU C 334 36.48 -31.13 -4.15
C LEU C 334 37.34 -30.10 -3.37
N LYS C 335 37.11 -30.00 -2.06
CA LYS C 335 37.86 -29.08 -1.20
C LYS C 335 38.53 -29.81 -0.03
N GLY D 11 -2.34 -0.38 13.02
CA GLY D 11 -3.32 0.26 12.09
C GLY D 11 -3.39 -0.45 10.75
N LEU D 12 -4.61 -0.76 10.32
CA LEU D 12 -4.81 -1.45 9.06
C LEU D 12 -5.19 -0.52 7.90
N VAL D 13 -5.22 -1.11 6.70
CA VAL D 13 -5.56 -0.39 5.48
C VAL D 13 -6.14 -1.35 4.45
N PRO D 14 -7.10 -0.88 3.63
CA PRO D 14 -7.76 -1.69 2.60
C PRO D 14 -7.02 -1.71 1.28
N VAL D 15 -6.91 -2.90 0.68
CA VAL D 15 -6.22 -3.06 -0.61
C VAL D 15 -6.82 -2.15 -1.66
N SER D 16 -5.97 -1.36 -2.31
CA SER D 16 -6.44 -0.41 -3.32
C SER D 16 -7.13 -1.11 -4.50
N ILE D 17 -6.41 -1.98 -5.18
CA ILE D 17 -6.97 -2.71 -6.31
C ILE D 17 -6.70 -4.19 -6.07
N ILE D 18 -7.75 -5.01 -6.04
CA ILE D 18 -7.58 -6.43 -5.78
C ILE D 18 -7.01 -7.11 -7.00
N GLY D 19 -6.09 -8.06 -6.78
CA GLY D 19 -5.48 -8.80 -7.87
C GLY D 19 -5.59 -10.30 -7.66
N ALA D 20 -5.29 -11.08 -8.70
CA ALA D 20 -5.36 -12.54 -8.60
C ALA D 20 -4.37 -12.98 -7.54
N GLU D 21 -4.60 -14.15 -6.95
CA GLU D 21 -3.70 -14.67 -5.91
C GLU D 21 -3.85 -13.98 -4.56
N ASP D 22 -4.82 -13.08 -4.44
CA ASP D 22 -5.02 -12.39 -3.17
C ASP D 22 -5.85 -13.28 -2.25
N GLU D 23 -6.12 -14.49 -2.72
CA GLU D 23 -6.91 -15.43 -1.95
C GLU D 23 -6.04 -16.62 -1.57
N ASP D 24 -4.89 -16.73 -2.23
CA ASP D 24 -3.96 -17.83 -2.01
C ASP D 24 -3.11 -17.60 -0.77
N PHE D 25 -3.18 -16.40 -0.23
CA PHE D 25 -2.41 -16.07 0.96
C PHE D 25 -3.25 -15.19 1.89
N GLU D 26 -4.53 -15.52 2.01
CA GLU D 26 -5.44 -14.78 2.88
C GLU D 26 -4.90 -14.91 4.30
N ASN D 27 -4.04 -15.90 4.49
CA ASN D 27 -3.42 -16.14 5.78
C ASN D 27 -1.92 -15.91 5.67
N GLU D 28 -1.50 -14.71 6.07
CA GLU D 28 -0.09 -14.31 6.02
C GLU D 28 0.59 -14.51 7.37
N SER D 38 4.95 -5.72 19.90
CA SER D 38 6.39 -5.74 20.09
C SER D 38 6.77 -6.75 21.16
N GLN D 39 7.69 -7.65 20.80
CA GLN D 39 8.15 -8.69 21.71
C GLN D 39 9.64 -8.56 22.04
N PHE D 40 10.47 -8.57 21.00
CA PHE D 40 11.91 -8.45 21.17
C PHE D 40 12.32 -6.99 21.05
N GLN D 41 12.03 -6.19 22.07
CA GLN D 41 12.40 -4.78 22.04
C GLN D 41 13.73 -4.48 22.72
N SER D 42 13.94 -5.05 23.91
CA SER D 42 15.18 -4.82 24.65
C SER D 42 15.68 -6.13 25.27
N LEU D 43 16.99 -6.22 25.50
CA LEU D 43 17.55 -7.43 26.09
C LEU D 43 16.87 -7.64 27.44
N GLU D 44 16.54 -6.54 28.11
CA GLU D 44 15.89 -6.59 29.41
C GLU D 44 14.60 -7.39 29.36
N GLN D 45 13.81 -7.15 28.32
CA GLN D 45 12.53 -7.82 28.13
C GLN D 45 12.61 -9.30 27.80
N VAL D 46 13.43 -9.66 26.81
CA VAL D 46 13.54 -11.05 26.36
C VAL D 46 14.41 -11.99 27.19
N LYS D 47 15.34 -11.44 27.97
CA LYS D 47 16.24 -12.26 28.78
C LYS D 47 15.52 -13.02 29.89
N ARG D 48 14.24 -12.70 30.09
CA ARG D 48 13.45 -13.36 31.11
C ARG D 48 12.60 -14.47 30.48
N ARG D 49 12.32 -14.36 29.19
CA ARG D 49 11.50 -15.34 28.49
C ARG D 49 12.40 -16.44 27.90
N PRO D 50 12.35 -17.65 28.46
CA PRO D 50 13.18 -18.76 27.95
C PRO D 50 12.96 -19.16 26.48
N ALA D 51 11.70 -19.24 26.05
CA ALA D 51 11.39 -19.63 24.69
C ALA D 51 11.86 -18.57 23.69
N HIS D 52 11.38 -17.35 23.87
CA HIS D 52 11.75 -16.23 23.00
C HIS D 52 13.27 -16.02 22.93
N LEU D 53 13.93 -16.18 24.06
CA LEU D 53 15.36 -16.01 24.10
C LEU D 53 16.02 -17.08 23.26
N MET D 54 15.47 -18.29 23.26
CA MET D 54 16.06 -19.38 22.47
C MET D 54 16.14 -19.01 21.02
N ALA D 55 15.06 -18.42 20.52
CA ALA D 55 14.98 -17.97 19.13
C ALA D 55 16.09 -16.95 18.89
N LEU D 56 16.11 -15.91 19.71
CA LEU D 56 17.14 -14.88 19.58
C LEU D 56 18.53 -15.50 19.49
N LEU D 57 18.85 -16.43 20.39
CA LEU D 57 20.17 -17.08 20.40
C LEU D 57 20.40 -17.92 19.14
N GLN D 58 19.42 -18.74 18.80
CA GLN D 58 19.53 -19.56 17.61
C GLN D 58 19.78 -18.69 16.37
N HIS D 59 19.31 -17.45 16.41
CA HIS D 59 19.47 -16.49 15.31
C HIS D 59 20.88 -15.90 15.38
N VAL D 60 21.21 -15.31 16.51
CA VAL D 60 22.52 -14.72 16.69
C VAL D 60 23.64 -15.75 16.54
N ALA D 61 23.27 -17.03 16.66
CA ALA D 61 24.27 -18.09 16.53
C ALA D 61 24.65 -18.33 15.08
N LEU D 62 23.63 -18.43 14.24
CA LEU D 62 23.78 -18.64 12.82
C LEU D 62 24.11 -17.41 11.98
N GLN D 63 24.01 -16.20 12.55
CA GLN D 63 24.26 -15.00 11.75
C GLN D 63 25.36 -14.08 12.22
N PHE D 64 25.65 -14.07 13.53
CA PHE D 64 26.69 -13.20 14.07
C PHE D 64 27.61 -13.95 15.03
N GLU D 65 28.40 -13.18 15.78
CA GLU D 65 29.33 -13.71 16.77
C GLU D 65 28.61 -13.84 18.11
N PRO D 66 28.53 -15.06 18.66
CA PRO D 66 27.86 -15.33 19.94
C PRO D 66 28.54 -14.71 21.16
N GLY D 67 29.57 -13.92 20.89
CA GLY D 67 30.28 -13.29 21.98
C GLY D 67 29.43 -12.34 22.80
N PRO D 68 29.26 -11.09 22.34
CA PRO D 68 28.49 -10.02 22.99
C PRO D 68 27.19 -10.42 23.68
N LEU D 69 26.38 -11.21 23.01
CA LEU D 69 25.12 -11.61 23.62
C LEU D 69 25.34 -12.58 24.79
N LEU D 70 26.13 -13.62 24.57
CA LEU D 70 26.41 -14.59 25.63
C LEU D 70 27.01 -13.90 26.85
N CYS D 71 27.68 -12.77 26.61
CA CYS D 71 28.30 -11.99 27.67
C CYS D 71 27.24 -11.32 28.56
N CYS D 72 26.40 -10.49 27.97
CA CYS D 72 25.36 -9.78 28.71
C CYS D 72 24.52 -10.71 29.55
N LEU D 73 24.18 -11.88 29.00
CA LEU D 73 23.38 -12.84 29.72
C LEU D 73 24.08 -13.41 30.95
N HIS D 74 25.34 -13.82 30.78
CA HIS D 74 26.10 -14.37 31.90
C HIS D 74 26.23 -13.31 32.97
N ALA D 75 26.45 -12.06 32.56
CA ALA D 75 26.59 -10.94 33.47
C ALA D 75 25.38 -10.84 34.37
N ASP D 76 24.20 -10.93 33.77
CA ASP D 76 22.96 -10.84 34.53
C ASP D 76 22.85 -11.95 35.59
N MET D 77 23.45 -13.10 35.30
CA MET D 77 23.43 -14.24 36.22
C MET D 77 23.94 -13.90 37.60
N LEU D 78 24.78 -12.87 37.69
CA LEU D 78 25.33 -12.45 38.98
C LEU D 78 24.41 -11.42 39.67
N GLY D 79 24.70 -10.15 39.46
CA GLY D 79 23.90 -9.09 40.07
C GLY D 79 23.20 -8.23 39.04
N PRO D 83 26.58 -11.64 48.17
CA PRO D 83 27.67 -12.09 47.28
C PRO D 83 28.62 -13.10 47.95
N LYS D 84 28.16 -14.35 48.05
CA LYS D 84 28.96 -15.42 48.67
C LYS D 84 30.06 -15.92 47.71
N GLU D 85 29.73 -16.90 46.88
CA GLU D 85 30.72 -17.45 45.94
C GLU D 85 30.77 -16.57 44.70
N ALA D 86 30.52 -15.27 44.88
CA ALA D 86 30.53 -14.34 43.76
C ALA D 86 31.81 -14.48 42.95
N LYS D 87 32.94 -14.68 43.64
CA LYS D 87 34.24 -14.83 42.99
C LYS D 87 34.38 -16.16 42.23
N LYS D 88 33.53 -17.12 42.58
CA LYS D 88 33.57 -18.43 41.92
C LYS D 88 33.01 -18.32 40.49
N ALA D 89 32.11 -17.37 40.30
CA ALA D 89 31.50 -17.14 38.99
C ALA D 89 32.40 -16.27 38.14
N PHE D 90 32.92 -15.19 38.71
CA PHE D 90 33.79 -14.26 37.98
C PHE D 90 34.96 -15.00 37.36
N LEU D 91 35.23 -16.19 37.88
CA LEU D 91 36.31 -17.06 37.41
C LEU D 91 36.10 -17.44 35.94
N ASP D 92 34.98 -18.11 35.68
CA ASP D 92 34.62 -18.57 34.34
C ASP D 92 34.44 -17.37 33.41
N PHE D 93 33.53 -16.48 33.80
CA PHE D 93 33.23 -15.28 33.06
C PHE D 93 34.49 -14.62 32.55
N TYR D 94 35.56 -14.75 33.32
CA TYR D 94 36.83 -14.17 32.93
C TYR D 94 37.56 -15.06 31.91
N HIS D 95 37.47 -16.37 32.11
CA HIS D 95 38.16 -17.31 31.22
C HIS D 95 37.44 -17.51 29.89
N SER D 96 36.22 -17.03 29.80
CA SER D 96 35.42 -17.20 28.60
C SER D 96 35.32 -15.96 27.72
N PHE D 97 35.39 -14.78 28.32
CA PHE D 97 35.24 -13.55 27.54
C PHE D 97 36.42 -12.58 27.65
N LEU D 98 36.81 -12.25 28.88
CA LEU D 98 37.89 -11.31 29.15
C LEU D 98 39.29 -11.86 28.83
N GLU D 99 39.46 -13.18 28.91
CA GLU D 99 40.74 -13.83 28.63
C GLU D 99 41.30 -13.36 27.28
N LYS D 100 42.62 -13.27 27.17
CA LYS D 100 43.26 -12.83 25.94
C LYS D 100 43.07 -13.83 24.81
N THR D 101 42.92 -15.10 25.18
CA THR D 101 42.75 -16.17 24.21
C THR D 101 41.53 -17.01 24.57
N ALA D 102 40.50 -16.37 25.10
CA ALA D 102 39.29 -17.08 25.48
C ALA D 102 38.53 -17.52 24.23
N VAL D 103 37.66 -18.51 24.38
CA VAL D 103 36.88 -19.03 23.27
C VAL D 103 35.95 -17.94 22.77
N LEU D 104 35.19 -17.36 23.70
CA LEU D 104 34.24 -16.31 23.39
C LEU D 104 34.83 -14.95 23.74
N ARG D 105 35.97 -14.61 23.14
CA ARG D 105 36.62 -13.34 23.41
C ARG D 105 35.73 -12.18 22.97
N VAL D 106 35.55 -11.19 23.84
CA VAL D 106 34.73 -10.03 23.54
C VAL D 106 35.50 -8.72 23.65
N PRO D 107 35.12 -7.71 22.86
CA PRO D 107 35.83 -6.43 22.93
C PRO D 107 35.63 -5.78 24.30
N VAL D 108 36.73 -5.41 24.96
CA VAL D 108 36.67 -4.79 26.28
C VAL D 108 37.34 -3.42 26.29
N PRO D 109 36.84 -2.48 27.11
CA PRO D 109 37.37 -1.12 27.23
C PRO D 109 38.87 -1.12 27.56
N PRO D 110 39.61 -0.12 27.07
CA PRO D 110 41.05 -0.01 27.33
C PRO D 110 41.37 0.28 28.80
N ASN D 111 40.41 0.87 29.51
CA ASN D 111 40.60 1.22 30.91
C ASN D 111 40.52 0.00 31.82
N VAL D 112 39.66 -0.95 31.48
CA VAL D 112 39.51 -2.17 32.26
C VAL D 112 40.53 -3.22 31.86
N ALA D 113 40.77 -3.33 30.56
CA ALA D 113 41.74 -4.30 30.06
C ALA D 113 43.09 -3.99 30.70
N PHE D 114 43.27 -2.73 31.08
CA PHE D 114 44.51 -2.30 31.71
C PHE D 114 44.56 -2.58 33.21
N GLU D 115 43.40 -2.71 33.84
CA GLU D 115 43.33 -2.99 35.27
C GLU D 115 43.36 -4.51 35.52
N LEU D 116 44.28 -5.18 34.83
CA LEU D 116 44.45 -6.62 34.94
C LEU D 116 45.92 -7.00 34.86
N VAL D 128 34.59 -3.55 43.55
CA VAL D 128 35.52 -3.40 42.43
C VAL D 128 35.23 -4.40 41.32
N GLN D 129 34.98 -5.65 41.70
CA GLN D 129 34.70 -6.69 40.72
C GLN D 129 33.48 -6.30 39.88
N ARG D 130 32.46 -5.77 40.53
CA ARG D 130 31.24 -5.35 39.83
C ARG D 130 31.55 -4.19 38.91
N ARG D 131 32.51 -3.36 39.31
CA ARG D 131 32.92 -2.20 38.52
C ARG D 131 33.47 -2.63 37.17
N PHE D 132 33.95 -3.87 37.09
CA PHE D 132 34.50 -4.40 35.84
C PHE D 132 33.44 -4.94 34.91
N VAL D 133 32.58 -5.82 35.44
CA VAL D 133 31.53 -6.41 34.64
C VAL D 133 30.67 -5.32 34.01
N GLN D 134 30.19 -4.40 34.85
CA GLN D 134 29.36 -3.29 34.39
C GLN D 134 29.99 -2.59 33.21
N GLU D 135 31.32 -2.55 33.20
CA GLU D 135 32.05 -1.92 32.12
C GLU D 135 31.97 -2.80 30.87
N VAL D 136 32.21 -4.09 31.03
CA VAL D 136 32.16 -5.05 29.93
C VAL D 136 30.78 -5.16 29.30
N VAL D 137 29.74 -5.20 30.12
CA VAL D 137 28.38 -5.29 29.61
C VAL D 137 28.03 -3.99 28.87
N GLN D 138 28.38 -2.87 29.47
CA GLN D 138 28.11 -1.55 28.90
C GLN D 138 28.93 -1.31 27.63
N SER D 139 29.57 -2.36 27.13
CA SER D 139 30.39 -2.27 25.94
C SER D 139 29.81 -3.12 24.80
N GLN D 140 28.97 -4.08 25.16
CA GLN D 140 28.37 -4.95 24.17
C GLN D 140 27.08 -4.30 23.66
N GLN D 141 26.53 -3.39 24.46
CA GLN D 141 25.30 -2.69 24.13
C GLN D 141 25.07 -2.45 22.65
N VAL D 142 25.92 -1.62 22.04
CA VAL D 142 25.78 -1.29 20.63
C VAL D 142 25.74 -2.53 19.74
N ALA D 143 26.68 -3.44 19.95
CA ALA D 143 26.74 -4.68 19.16
C ALA D 143 25.48 -5.51 19.35
N VAL D 144 25.08 -5.72 20.60
CA VAL D 144 23.89 -6.49 20.91
C VAL D 144 22.66 -5.75 20.42
N GLY D 145 22.80 -4.46 20.17
CA GLY D 145 21.69 -3.67 19.67
C GLY D 145 21.49 -3.98 18.20
N ARG D 146 22.56 -3.89 17.43
CA ARG D 146 22.53 -4.17 16.00
C ARG D 146 21.94 -5.56 15.71
N GLN D 147 22.05 -6.46 16.68
CA GLN D 147 21.55 -7.82 16.52
C GLN D 147 20.05 -7.98 16.77
N LEU D 148 19.50 -7.23 17.73
CA LEU D 148 18.06 -7.29 18.02
C LEU D 148 17.31 -6.58 16.90
N GLU D 149 17.85 -5.45 16.45
CA GLU D 149 17.25 -4.70 15.36
C GLU D 149 17.18 -5.68 14.19
N ASP D 150 18.30 -6.33 13.89
CA ASP D 150 18.37 -7.30 12.80
C ASP D 150 17.45 -8.50 13.01
N PHE D 151 17.22 -8.86 14.28
CA PHE D 151 16.35 -9.98 14.60
C PHE D 151 14.93 -9.57 14.28
N ARG D 152 14.54 -8.40 14.76
CA ARG D 152 13.20 -7.86 14.53
C ARG D 152 12.91 -7.70 13.03
N SER D 153 13.92 -7.30 12.26
CA SER D 153 13.78 -7.11 10.82
C SER D 153 13.48 -8.44 10.19
N LYS D 154 14.37 -9.42 10.39
CA LYS D 154 14.18 -10.75 9.83
C LYS D 154 12.86 -11.32 10.32
N ARG D 155 12.51 -11.02 11.56
CA ARG D 155 11.26 -11.51 12.14
C ARG D 155 10.05 -11.15 11.25
N LEU D 156 10.00 -9.89 10.78
CA LEU D 156 8.90 -9.43 9.92
C LEU D 156 8.89 -10.20 8.62
N MET D 157 10.06 -10.36 8.02
CA MET D 157 10.18 -11.10 6.79
C MET D 157 10.05 -12.60 7.05
N GLY D 158 9.62 -12.97 8.26
CA GLY D 158 9.46 -14.37 8.62
C GLY D 158 10.67 -15.22 8.33
N MET D 159 11.86 -14.73 8.70
CA MET D 159 13.09 -15.46 8.48
C MET D 159 13.69 -15.90 9.82
N THR D 160 12.93 -15.71 10.90
CA THR D 160 13.35 -16.10 12.23
C THR D 160 13.03 -17.56 12.48
N PRO D 161 13.83 -18.24 13.30
CA PRO D 161 13.61 -19.66 13.60
C PRO D 161 12.53 -19.91 14.64
N TRP D 162 12.11 -21.18 14.74
CA TRP D 162 11.11 -21.62 15.70
C TRP D 162 9.94 -20.64 15.77
N GLU D 163 9.68 -19.94 14.67
CA GLU D 163 8.58 -18.98 14.68
C GLU D 163 7.23 -19.68 14.79
N GLN D 164 7.20 -20.97 14.46
CA GLN D 164 5.96 -21.76 14.54
C GLN D 164 5.60 -21.99 15.99
N GLU D 165 6.50 -22.64 16.73
CA GLU D 165 6.29 -22.93 18.14
C GLU D 165 6.15 -21.61 18.90
N LEU D 166 7.01 -20.66 18.55
CA LEU D 166 7.01 -19.37 19.21
C LEU D 166 5.61 -18.73 19.16
N ALA D 167 5.09 -18.54 17.96
CA ALA D 167 3.77 -17.95 17.81
C ALA D 167 2.69 -18.78 18.47
N GLN D 168 2.86 -20.10 18.42
CA GLN D 168 1.90 -21.04 18.99
C GLN D 168 1.78 -20.91 20.51
N LEU D 169 2.88 -20.55 21.16
CA LEU D 169 2.87 -20.39 22.61
C LEU D 169 2.32 -19.02 22.98
N GLU D 170 2.43 -18.07 22.07
CA GLU D 170 1.96 -16.70 22.31
C GLU D 170 0.44 -16.62 22.14
N ALA D 171 -0.27 -17.52 22.82
CA ALA D 171 -1.72 -17.56 22.75
C ALA D 171 -2.30 -18.42 23.87
N TRP D 172 -1.48 -19.30 24.43
CA TRP D 172 -1.93 -20.16 25.51
C TRP D 172 -2.37 -19.30 26.68
N SER D 179 1.22 -20.41 35.68
CA SER D 179 0.87 -21.57 34.85
C SER D 179 1.43 -21.42 33.44
N TYR D 180 1.63 -20.18 33.02
CA TYR D 180 2.19 -19.90 31.70
C TYR D 180 3.65 -20.31 31.63
N GLU D 181 4.37 -20.04 32.72
CA GLU D 181 5.79 -20.39 32.80
C GLU D 181 5.98 -21.90 32.70
N ALA D 182 4.92 -22.66 32.94
CA ALA D 182 5.00 -24.11 32.85
C ALA D 182 5.34 -24.50 31.43
N ARG D 183 4.62 -23.90 30.47
CA ARG D 183 4.82 -24.18 29.05
C ARG D 183 6.00 -23.38 28.51
N GLU D 184 6.05 -22.11 28.89
CA GLU D 184 7.12 -21.23 28.45
C GLU D 184 8.50 -21.83 28.69
N ARG D 185 8.68 -22.46 29.85
CA ARG D 185 9.95 -23.09 30.17
C ARG D 185 10.00 -24.46 29.51
N HIS D 186 8.84 -25.01 29.18
CA HIS D 186 8.78 -26.31 28.55
C HIS D 186 9.21 -26.20 27.09
N VAL D 187 8.57 -25.27 26.36
CA VAL D 187 8.87 -25.05 24.95
C VAL D 187 10.35 -24.72 24.76
N ALA D 188 10.91 -24.04 25.75
CA ALA D 188 12.30 -23.64 25.75
C ALA D 188 13.25 -24.84 25.65
N GLU D 189 13.08 -25.80 26.55
CA GLU D 189 13.94 -26.98 26.56
C GLU D 189 13.86 -27.78 25.27
N ARG D 190 12.69 -27.74 24.64
CA ARG D 190 12.52 -28.46 23.39
C ARG D 190 13.35 -27.74 22.35
N LEU D 191 13.24 -26.41 22.30
CA LEU D 191 13.99 -25.62 21.34
C LEU D 191 15.48 -25.72 21.63
N LEU D 192 15.84 -25.62 22.90
CA LEU D 192 17.24 -25.72 23.32
C LEU D 192 17.91 -27.04 22.92
N MET D 193 17.11 -28.08 22.68
CA MET D 193 17.65 -29.36 22.27
C MET D 193 17.91 -29.32 20.77
N HIS D 194 16.95 -28.75 20.03
CA HIS D 194 17.08 -28.62 18.59
C HIS D 194 18.36 -27.86 18.27
N LEU D 195 18.78 -27.02 19.21
CA LEU D 195 19.98 -26.21 19.05
C LEU D 195 21.24 -27.03 19.27
N GLU D 196 21.17 -27.98 20.20
CA GLU D 196 22.31 -28.83 20.46
C GLU D 196 22.46 -29.87 19.36
N GLU D 197 21.35 -30.51 18.98
CA GLU D 197 21.37 -31.54 17.94
C GLU D 197 21.89 -31.03 16.60
N MET D 198 22.08 -29.73 16.49
CA MET D 198 22.56 -29.12 15.25
C MET D 198 23.75 -28.22 15.53
N GLN D 199 24.38 -28.41 16.68
CA GLN D 199 25.53 -27.61 17.07
C GLN D 199 26.73 -27.83 16.18
N HIS D 200 26.65 -28.86 15.34
CA HIS D 200 27.74 -29.20 14.43
C HIS D 200 27.82 -28.24 13.24
N THR D 201 27.33 -27.02 13.41
CA THR D 201 27.36 -26.02 12.34
C THR D 201 27.43 -24.60 12.89
N ILE D 202 27.51 -24.47 14.21
CA ILE D 202 27.60 -23.16 14.85
C ILE D 202 28.83 -22.40 14.35
N SER D 203 29.93 -23.13 14.12
CA SER D 203 31.15 -22.52 13.62
C SER D 203 32.19 -23.58 13.25
N THR D 204 33.19 -23.17 12.48
CA THR D 204 34.27 -24.04 12.01
C THR D 204 35.06 -24.66 13.15
N ASP D 205 35.39 -23.85 14.15
CA ASP D 205 36.14 -24.31 15.31
C ASP D 205 35.33 -25.40 16.01
N GLU D 206 35.73 -26.65 15.82
CA GLU D 206 35.02 -27.77 16.42
C GLU D 206 35.00 -27.67 17.94
N GLU D 207 35.63 -26.62 18.47
CA GLU D 207 35.69 -26.40 19.91
C GLU D 207 34.88 -25.17 20.33
N LYS D 208 34.95 -24.11 19.52
CA LYS D 208 34.21 -22.89 19.81
C LYS D 208 32.73 -23.18 19.88
N SER D 209 32.32 -24.24 19.17
CA SER D 209 30.91 -24.65 19.14
C SER D 209 30.49 -25.21 20.51
N ALA D 210 31.28 -26.13 21.03
CA ALA D 210 30.99 -26.73 22.32
C ALA D 210 30.93 -25.65 23.41
N ALA D 211 31.81 -24.66 23.29
CA ALA D 211 31.84 -23.57 24.26
C ALA D 211 30.54 -22.76 24.21
N VAL D 212 30.10 -22.43 23.00
CA VAL D 212 28.87 -21.68 22.80
C VAL D 212 27.66 -22.37 23.41
N VAL D 213 27.56 -23.69 23.23
CA VAL D 213 26.44 -24.46 23.75
C VAL D 213 26.39 -24.46 25.28
N ASN D 214 27.54 -24.71 25.90
CA ASN D 214 27.60 -24.74 27.35
C ASN D 214 27.28 -23.37 27.90
N ALA D 215 27.72 -22.34 27.19
CA ALA D 215 27.49 -20.96 27.61
C ALA D 215 26.01 -20.62 27.64
N ILE D 216 25.21 -21.36 26.87
CA ILE D 216 23.77 -21.14 26.82
C ILE D 216 23.12 -22.08 27.84
N GLY D 217 23.79 -23.21 28.08
CA GLY D 217 23.27 -24.17 29.04
C GLY D 217 23.12 -23.54 30.41
N LEU D 218 24.15 -22.81 30.84
CA LEU D 218 24.15 -22.14 32.14
C LEU D 218 23.03 -21.15 32.34
N TYR D 219 23.03 -20.09 31.52
CA TYR D 219 21.99 -19.09 31.64
C TYR D 219 20.61 -19.72 31.51
N MET D 220 20.50 -20.79 30.74
CA MET D 220 19.20 -21.44 30.59
C MET D 220 18.81 -22.15 31.87
N ARG D 221 19.74 -22.88 32.46
CA ARG D 221 19.49 -23.59 33.71
C ARG D 221 19.05 -22.54 34.72
N HIS D 222 19.67 -21.37 34.64
CA HIS D 222 19.39 -20.24 35.52
C HIS D 222 17.91 -19.83 35.47
N LEU D 223 17.21 -20.22 34.41
CA LEU D 223 15.81 -19.88 34.29
C LEU D 223 14.92 -21.09 34.51
N GLY D 224 15.53 -22.25 34.72
CA GLY D 224 14.77 -23.46 34.95
C GLY D 224 14.71 -24.40 33.76
N VAL D 225 15.44 -24.06 32.70
CA VAL D 225 15.46 -24.88 31.49
C VAL D 225 16.60 -25.88 31.52
N ARG D 226 16.27 -27.15 31.71
CA ARG D 226 17.27 -28.21 31.77
C ARG D 226 17.10 -29.14 30.57
N THR D 227 18.18 -29.79 30.15
CA THR D 227 18.12 -30.72 29.03
C THR D 227 18.33 -32.17 29.49
#